data_8EGK
#
_entry.id   8EGK
#
_cell.length_a   124.170
_cell.length_b   55.553
_cell.length_c   122.363
_cell.angle_alpha   90.000
_cell.angle_beta   98.870
_cell.angle_gamma   90.000
#
_symmetry.space_group_name_H-M   'C 1 2 1'
#
loop_
_entity.id
_entity.type
_entity.pdbx_description
1 polymer 'All4481 protein'
2 non-polymer 'AZIDE ION'
3 water water
#
_entity_poly.entity_id   1
_entity_poly.type   'polypeptide(L)'
_entity_poly.pdbx_seq_one_letter_code
;(MSE)ALILTFLGKSGVARTKIAIAAAKLLASQGKRVLLAGLAEPVLPLLLEQTLTPDPQQIAPNLEVVQFQSSVLLERN
WEEVKKLEAQYLRTPIIKEVYGQELVVLPG(MSE)DSALALNAIREYDASGKYDTIVYDGTGDAFTLR(MSE)LGLPESL
SWYVRRFRQLFVNSDLGKTIAESPLIQPLISSFFNVNWTADNFAQPTNQVNNFLDKGKEALADPKRVAAFLVTTADPLEV
VSVRYLWGSAQQIGLTIGGVIQVSSQTEGDLSAEFTPLSVTVVPDVTKGDWQPLIDALPNFVEQAEQAPKPITIDTHNRQ
VRLFLPGFDKKQVKLTQYGPEVTVEAGDQRRNIFLPPALSGRPITGAKFQNNYLIISFLEHHHHHH
;
_entity_poly.pdbx_strand_id   A,B
#
loop_
_chem_comp.id
_chem_comp.type
_chem_comp.name
_chem_comp.formula
AZI non-polymer 'AZIDE ION' 'N3 -1'
#
# COMPACT_ATOMS: atom_id res chain seq x y z
N ALA A 2 -3.70 -21.31 -12.41
CA ALA A 2 -2.30 -20.93 -12.58
C ALA A 2 -1.61 -20.80 -11.23
N LEU A 3 -0.29 -20.93 -11.25
CA LEU A 3 0.54 -20.52 -10.13
C LEU A 3 0.77 -19.02 -10.19
N ILE A 4 0.44 -18.34 -9.12
CA ILE A 4 0.82 -16.94 -8.91
C ILE A 4 2.16 -16.95 -8.18
N LEU A 5 3.20 -16.43 -8.85
CA LEU A 5 4.57 -16.43 -8.34
C LEU A 5 5.02 -14.99 -8.12
N THR A 6 5.49 -14.68 -6.91
CA THR A 6 5.92 -13.30 -6.62
C THR A 6 7.15 -13.35 -5.73
N PHE A 7 7.73 -12.18 -5.53
CA PHE A 7 9.02 -12.04 -4.86
C PHE A 7 8.95 -10.93 -3.83
N LEU A 8 9.59 -11.15 -2.69
CA LEU A 8 9.61 -10.22 -1.58
C LEU A 8 11.05 -9.83 -1.29
N GLY A 9 11.28 -8.54 -1.05
CA GLY A 9 12.61 -8.04 -0.75
C GLY A 9 12.62 -6.54 -0.84
N LYS A 10 13.76 -5.94 -0.47
CA LYS A 10 13.82 -4.52 -0.22
C LYS A 10 14.23 -3.68 -1.43
N SER A 11 14.74 -4.29 -2.49
CA SER A 11 15.28 -3.58 -3.64
C SER A 11 14.46 -3.93 -4.87
N GLY A 12 13.76 -2.93 -5.42
CA GLY A 12 12.83 -3.20 -6.51
C GLY A 12 13.52 -3.65 -7.78
N VAL A 13 14.67 -3.06 -8.11
CA VAL A 13 15.32 -3.38 -9.38
C VAL A 13 15.67 -4.87 -9.42
N ALA A 14 16.23 -5.40 -8.34
CA ALA A 14 16.63 -6.81 -8.35
C ALA A 14 15.43 -7.73 -8.44
N ARG A 15 14.33 -7.37 -7.77
CA ARG A 15 13.12 -8.16 -7.82
C ARG A 15 12.56 -8.21 -9.25
N THR A 16 12.59 -7.07 -9.94
CA THR A 16 12.07 -7.03 -11.31
C THR A 16 12.91 -7.90 -12.24
N LYS A 17 14.24 -7.79 -12.13
CA LYS A 17 15.10 -8.67 -12.93
C LYS A 17 14.79 -10.14 -12.66
N ILE A 18 14.61 -10.53 -11.39
CA ILE A 18 14.31 -11.93 -11.10
C ILE A 18 12.97 -12.33 -11.71
N ALA A 19 11.96 -11.47 -11.59
CA ALA A 19 10.64 -11.78 -12.15
C ALA A 19 10.74 -11.96 -13.65
N ILE A 20 11.46 -11.07 -14.33
CA ILE A 20 11.63 -11.19 -15.77
C ILE A 20 12.31 -12.50 -16.12
N ALA A 21 13.40 -12.82 -15.42
CA ALA A 21 14.13 -14.04 -15.72
C ALA A 21 13.30 -15.27 -15.42
N ALA A 22 12.54 -15.25 -14.31
CA ALA A 22 11.68 -16.39 -14.02
C ALA A 22 10.66 -16.59 -15.14
N ALA A 23 10.06 -15.48 -15.59
CA ALA A 23 9.06 -15.57 -16.67
C ALA A 23 9.68 -16.10 -17.94
N LYS A 24 10.87 -15.61 -18.30
CA LYS A 24 11.51 -16.10 -19.52
C LYS A 24 11.83 -17.57 -19.43
N LEU A 25 12.35 -18.00 -18.27
CA LEU A 25 12.69 -19.42 -18.07
C LEU A 25 11.48 -20.31 -18.23
N LEU A 26 10.38 -19.95 -17.56
CA LEU A 26 9.21 -20.81 -17.60
C LEU A 26 8.58 -20.83 -18.99
N ALA A 27 8.52 -19.67 -19.65
CA ALA A 27 7.94 -19.65 -21.00
C ALA A 27 8.80 -20.47 -21.95
N SER A 28 10.12 -20.42 -21.78
CA SER A 28 11.01 -21.23 -22.61
C SER A 28 10.81 -22.72 -22.41
N GLN A 29 10.28 -23.14 -21.25
CA GLN A 29 10.02 -24.54 -20.99
C GLN A 29 8.62 -24.97 -21.42
N GLY A 30 7.87 -24.10 -22.08
CA GLY A 30 6.55 -24.43 -22.52
C GLY A 30 5.41 -24.11 -21.58
N LYS A 31 5.68 -23.42 -20.47
CA LYS A 31 4.62 -22.90 -19.62
C LYS A 31 4.06 -21.62 -20.21
N ARG A 32 2.73 -21.49 -20.20
CA ARG A 32 2.06 -20.27 -20.63
C ARG A 32 2.15 -19.24 -19.50
N VAL A 33 2.86 -18.14 -19.75
CA VAL A 33 3.24 -17.20 -18.70
C VAL A 33 2.64 -15.83 -18.97
N LEU A 34 2.12 -15.22 -17.90
CA LEU A 34 1.82 -13.80 -17.88
C LEU A 34 2.72 -13.15 -16.84
N LEU A 35 3.50 -12.18 -17.28
CA LEU A 35 4.31 -11.35 -16.39
C LEU A 35 3.58 -10.03 -16.20
N ALA A 36 3.17 -9.74 -14.97
CA ALA A 36 2.42 -8.53 -14.65
C ALA A 36 3.23 -7.65 -13.71
N GLY A 37 3.41 -6.39 -14.09
CA GLY A 37 4.06 -5.39 -13.25
C GLY A 37 3.13 -4.26 -12.89
N LEU A 38 3.65 -3.36 -12.07
CA LEU A 38 2.91 -2.19 -11.65
C LEU A 38 3.30 -1.00 -12.54
N ALA A 39 2.72 0.17 -12.23
CA ALA A 39 2.87 1.37 -13.05
C ALA A 39 4.19 2.02 -12.65
N GLU A 40 5.25 1.62 -13.35
CA GLU A 40 6.60 2.08 -13.05
C GLU A 40 7.49 1.76 -14.25
N PRO A 41 8.56 2.51 -14.47
CA PRO A 41 9.26 2.44 -15.77
C PRO A 41 10.34 1.38 -15.92
N VAL A 42 10.74 0.70 -14.85
CA VAL A 42 11.90 -0.20 -14.97
C VAL A 42 11.55 -1.46 -15.76
N LEU A 43 10.39 -2.07 -15.49
CA LEU A 43 10.06 -3.30 -16.22
C LEU A 43 10.04 -3.06 -17.72
N PRO A 44 9.32 -2.04 -18.24
CA PRO A 44 9.41 -1.75 -19.68
C PRO A 44 10.83 -1.56 -20.18
N LEU A 45 11.65 -0.82 -19.43
CA LEU A 45 13.01 -0.53 -19.89
C LEU A 45 13.86 -1.79 -19.93
N LEU A 46 13.76 -2.65 -18.91
CA LEU A 46 14.55 -3.86 -18.90
C LEU A 46 14.13 -4.82 -20.01
N LEU A 47 12.85 -4.82 -20.37
CA LEU A 47 12.35 -5.62 -21.46
C LEU A 47 12.57 -4.96 -22.82
N GLU A 48 12.96 -3.68 -22.85
CA GLU A 48 13.05 -2.91 -24.09
C GLU A 48 11.73 -3.01 -24.87
N GLN A 49 10.64 -2.73 -24.17
CA GLN A 49 9.29 -2.89 -24.71
C GLN A 49 8.37 -1.93 -23.99
N THR A 50 7.55 -1.19 -24.74
CA THR A 50 6.51 -0.38 -24.13
C THR A 50 5.37 -1.28 -23.67
N LEU A 51 4.95 -1.12 -22.43
CA LEU A 51 3.92 -1.93 -21.83
C LEU A 51 2.60 -1.15 -21.79
N THR A 52 1.52 -1.90 -21.69
CA THR A 52 0.19 -1.34 -21.71
C THR A 52 -0.70 -2.10 -20.73
N PRO A 53 -1.90 -1.61 -20.44
CA PRO A 53 -2.79 -2.36 -19.55
C PRO A 53 -3.35 -3.64 -20.15
N ASP A 54 -2.96 -4.00 -21.36
CA ASP A 54 -3.42 -5.24 -21.98
C ASP A 54 -2.21 -6.12 -22.28
N PRO A 55 -2.30 -7.43 -22.05
CA PRO A 55 -1.11 -8.28 -22.25
C PRO A 55 -0.60 -8.20 -23.67
N GLN A 56 0.72 -8.10 -23.80
CA GLN A 56 1.39 -8.15 -25.08
C GLN A 56 2.34 -9.34 -25.08
N GLN A 57 2.32 -10.12 -26.14
CA GLN A 57 3.29 -11.18 -26.31
C GLN A 57 4.64 -10.61 -26.72
N ILE A 58 5.68 -10.95 -25.96
CA ILE A 58 7.03 -10.55 -26.30
C ILE A 58 7.90 -11.73 -26.69
N ALA A 59 7.43 -12.96 -26.46
CA ALA A 59 8.12 -14.19 -26.82
C ALA A 59 7.10 -15.31 -26.74
N PRO A 60 7.38 -16.46 -27.36
CA PRO A 60 6.42 -17.58 -27.29
C PRO A 60 6.10 -17.90 -25.84
N ASN A 61 4.81 -18.01 -25.54
CA ASN A 61 4.29 -18.36 -24.22
C ASN A 61 4.55 -17.28 -23.17
N LEU A 62 4.92 -16.07 -23.57
CA LEU A 62 5.29 -15.03 -22.62
C LEU A 62 4.58 -13.73 -22.99
N GLU A 63 3.57 -13.37 -22.22
CA GLU A 63 2.87 -12.11 -22.33
C GLU A 63 3.22 -11.22 -21.15
N VAL A 64 3.22 -9.92 -21.38
CA VAL A 64 3.55 -8.94 -20.34
C VAL A 64 2.46 -7.88 -20.29
N VAL A 65 2.11 -7.46 -19.08
CA VAL A 65 1.08 -6.46 -18.84
C VAL A 65 1.51 -5.58 -17.67
N GLN A 66 1.13 -4.31 -17.75
CA GLN A 66 1.35 -3.34 -16.68
C GLN A 66 0.01 -2.99 -16.05
N PHE A 67 -0.12 -3.20 -14.75
CA PHE A 67 -1.32 -2.80 -14.04
C PHE A 67 -1.30 -1.29 -13.82
N GLN A 68 -2.18 -0.57 -14.49
CA GLN A 68 -2.40 0.85 -14.27
C GLN A 68 -3.71 0.97 -13.50
N SER A 69 -3.63 1.40 -12.24
CA SER A 69 -4.85 1.46 -11.42
C SER A 69 -5.90 2.39 -12.01
N SER A 70 -5.47 3.46 -12.70
CA SER A 70 -6.41 4.36 -13.36
C SER A 70 -7.27 3.60 -14.36
N VAL A 71 -6.63 2.76 -15.19
CA VAL A 71 -7.34 2.01 -16.21
C VAL A 71 -8.19 0.90 -15.59
N LEU A 72 -7.64 0.18 -14.62
CA LEU A 72 -8.42 -0.86 -13.97
C LEU A 72 -9.64 -0.26 -13.29
N LEU A 73 -9.49 0.91 -12.70
CA LEU A 73 -10.62 1.56 -12.05
C LEU A 73 -11.71 1.92 -13.07
N GLU A 74 -11.32 2.55 -14.18
CA GLU A 74 -12.34 2.93 -15.16
C GLU A 74 -12.99 1.71 -15.79
N ARG A 75 -12.25 0.61 -15.94
CA ARG A 75 -12.84 -0.63 -16.44
C ARG A 75 -13.82 -1.22 -15.44
N ASN A 76 -13.50 -1.20 -14.14
CA ASN A 76 -14.45 -1.68 -13.15
C ASN A 76 -15.66 -0.75 -13.02
N TRP A 77 -15.46 0.55 -13.23
CA TRP A 77 -16.56 1.51 -13.09
C TRP A 77 -17.67 1.20 -14.09
N GLU A 78 -17.31 0.80 -15.31
CA GLU A 78 -18.33 0.43 -16.29
C GLU A 78 -19.16 -0.75 -15.81
N GLU A 79 -18.52 -1.70 -15.12
CA GLU A 79 -19.28 -2.80 -14.52
C GLU A 79 -20.20 -2.28 -13.43
N VAL A 80 -19.78 -1.26 -12.69
CA VAL A 80 -20.64 -0.65 -11.69
C VAL A 80 -21.87 -0.04 -12.34
N LYS A 81 -21.67 0.65 -13.48
CA LYS A 81 -22.80 1.27 -14.17
C LYS A 81 -23.81 0.22 -14.64
N LYS A 82 -23.31 -0.85 -15.28
CA LYS A 82 -24.21 -1.90 -15.75
C LYS A 82 -25.03 -2.46 -14.61
N LEU A 83 -24.41 -2.72 -13.47
CA LEU A 83 -25.16 -3.17 -12.30
C LEU A 83 -26.17 -2.12 -11.86
N GLU A 84 -25.79 -0.84 -11.92
CA GLU A 84 -26.67 0.22 -11.46
C GLU A 84 -27.94 0.27 -12.30
N ALA A 85 -27.80 0.28 -13.62
CA ALA A 85 -28.98 0.25 -14.48
C ALA A 85 -29.88 -0.92 -14.13
N GLN A 86 -29.29 -2.11 -14.02
CA GLN A 86 -30.05 -3.30 -13.67
C GLN A 86 -30.80 -3.13 -12.36
N TYR A 87 -30.07 -2.92 -11.28
CA TYR A 87 -30.63 -3.00 -9.93
C TYR A 87 -31.31 -1.71 -9.48
N LEU A 88 -31.25 -0.64 -10.26
CA LEU A 88 -31.83 0.64 -9.87
C LEU A 88 -32.85 1.10 -10.90
N ARG A 89 -33.96 1.67 -10.41
CA ARG A 89 -34.98 2.23 -11.28
C ARG A 89 -34.58 3.60 -11.80
N THR A 90 -33.87 4.38 -10.99
CA THR A 90 -33.39 5.70 -11.37
C THR A 90 -31.88 5.75 -11.19
N PRO A 91 -31.09 5.84 -12.26
CA PRO A 91 -29.64 5.84 -12.08
C PRO A 91 -29.17 7.02 -11.24
N ILE A 92 -27.97 6.90 -10.69
CA ILE A 92 -27.42 7.94 -9.85
C ILE A 92 -26.01 8.28 -10.30
N ILE A 93 -25.19 7.27 -10.57
CA ILE A 93 -23.77 7.49 -10.90
C ILE A 93 -23.48 7.30 -12.36
N LYS A 94 -24.49 7.07 -13.20
CA LYS A 94 -24.26 6.96 -14.64
C LYS A 94 -23.58 8.20 -15.19
N GLU A 95 -23.82 9.35 -14.58
CA GLU A 95 -23.20 10.59 -15.06
C GLU A 95 -21.67 10.52 -15.00
N VAL A 96 -21.14 9.91 -13.94
CA VAL A 96 -19.70 10.01 -13.68
C VAL A 96 -18.93 9.13 -14.65
N TYR A 97 -17.98 9.72 -15.36
CA TYR A 97 -17.13 8.99 -16.29
C TYR A 97 -16.01 8.29 -15.53
N GLY A 98 -15.67 7.09 -15.97
CA GLY A 98 -14.59 6.35 -15.33
C GLY A 98 -13.26 7.07 -15.44
N GLN A 99 -13.10 7.93 -16.45
CA GLN A 99 -11.86 8.67 -16.63
C GLN A 99 -11.65 9.73 -15.55
N GLU A 100 -12.68 10.06 -14.78
CA GLU A 100 -12.55 11.05 -13.73
C GLU A 100 -12.07 10.46 -12.41
N LEU A 101 -12.32 9.16 -12.19
CA LEU A 101 -12.20 8.59 -10.86
C LEU A 101 -10.76 8.65 -10.36
N VAL A 102 -10.61 8.94 -9.07
CA VAL A 102 -9.29 9.04 -8.45
C VAL A 102 -9.04 7.77 -7.65
N VAL A 103 -7.85 7.22 -7.80
CA VAL A 103 -7.49 5.98 -7.11
C VAL A 103 -7.23 6.30 -5.65
N LEU A 104 -7.93 5.61 -4.77
CA LEU A 104 -7.74 5.71 -3.33
C LEU A 104 -6.85 4.59 -2.83
N PRO A 105 -6.17 4.79 -1.70
CA PRO A 105 -5.44 3.67 -1.07
C PRO A 105 -6.36 2.48 -0.89
N GLY A 106 -5.78 1.29 -1.06
CA GLY A 106 -6.54 0.05 -0.98
C GLY A 106 -7.11 -0.35 -2.33
N MSE A 107 -7.64 0.63 -3.08
CA MSE A 107 -8.16 0.36 -4.41
C MSE A 107 -7.07 -0.22 -5.29
O MSE A 107 -7.30 -1.12 -6.09
CB MSE A 107 -8.68 1.60 -5.10
CG MSE A 107 -10.12 1.91 -4.82
SE MSE A 107 -10.63 3.47 -5.94
CE MSE A 107 -11.93 4.18 -4.68
H MSE A 107 -7.70 1.45 -2.83
HA MSE A 107 -8.90 -0.26 -4.32
HB2 MSE A 107 -8.16 2.35 -4.81
HB3 MSE A 107 -8.60 1.48 -6.06
HG2 MSE A 107 -10.68 1.15 -5.05
HG3 MSE A 107 -10.24 2.14 -3.88
HE1 MSE A 107 -11.48 4.39 -3.85
HE2 MSE A 107 -12.33 4.98 -5.05
HE3 MSE A 107 -12.62 3.52 -4.53
N ASP A 108 -5.87 0.33 -5.13
CA ASP A 108 -4.72 -0.15 -5.91
C ASP A 108 -4.57 -1.66 -5.78
N SER A 109 -4.53 -2.15 -4.54
CA SER A 109 -4.34 -3.58 -4.31
C SER A 109 -5.57 -4.39 -4.71
N ALA A 110 -6.77 -3.89 -4.41
CA ALA A 110 -7.98 -4.64 -4.75
C ALA A 110 -8.09 -4.79 -6.26
N LEU A 111 -7.84 -3.71 -7.01
CA LEU A 111 -7.92 -3.75 -8.46
C LEU A 111 -6.88 -4.69 -9.05
N ALA A 112 -5.67 -4.68 -8.49
CA ALA A 112 -4.61 -5.54 -9.00
C ALA A 112 -4.93 -7.00 -8.73
N LEU A 113 -5.35 -7.32 -7.50
CA LEU A 113 -5.70 -8.70 -7.18
C LEU A 113 -6.86 -9.20 -8.04
N ASN A 114 -7.87 -8.35 -8.25
CA ASN A 114 -8.99 -8.78 -9.08
C ASN A 114 -8.55 -9.03 -10.52
N ALA A 115 -7.65 -8.19 -11.03
CA ALA A 115 -7.08 -8.45 -12.37
C ALA A 115 -6.37 -9.80 -12.40
N ILE A 116 -5.54 -10.06 -11.39
CA ILE A 116 -4.88 -11.36 -11.32
C ILE A 116 -5.90 -12.47 -11.27
N ARG A 117 -6.97 -12.30 -10.48
CA ARG A 117 -8.01 -13.32 -10.39
C ARG A 117 -8.63 -13.58 -11.77
N GLU A 118 -8.90 -12.52 -12.51
CA GLU A 118 -9.46 -12.68 -13.85
C GLU A 118 -8.51 -13.46 -14.75
N TYR A 119 -7.22 -13.15 -14.70
CA TYR A 119 -6.26 -13.87 -15.53
C TYR A 119 -6.15 -15.31 -15.10
N ASP A 120 -6.12 -15.55 -13.78
CA ASP A 120 -6.11 -16.91 -13.27
C ASP A 120 -7.36 -17.67 -13.70
N ALA A 121 -8.52 -17.02 -13.65
CA ALA A 121 -9.77 -17.72 -13.99
C ALA A 121 -9.92 -17.99 -15.48
N SER A 122 -9.19 -17.26 -16.32
CA SER A 122 -9.31 -17.45 -17.76
C SER A 122 -8.77 -18.78 -18.24
N GLY A 123 -7.95 -19.45 -17.42
CA GLY A 123 -7.36 -20.70 -17.84
C GLY A 123 -6.29 -20.57 -18.91
N LYS A 124 -5.90 -19.36 -19.28
CA LYS A 124 -4.92 -19.19 -20.35
C LYS A 124 -3.48 -19.33 -19.89
N TYR A 125 -3.22 -19.40 -18.57
CA TYR A 125 -1.86 -19.34 -18.09
C TYR A 125 -1.55 -20.49 -17.15
N ASP A 126 -0.33 -20.98 -17.25
CA ASP A 126 0.22 -21.88 -16.26
C ASP A 126 0.82 -21.12 -15.08
N THR A 127 1.49 -20.00 -15.36
CA THR A 127 2.12 -19.20 -14.32
C THR A 127 1.83 -17.73 -14.56
N ILE A 128 1.45 -17.02 -13.51
CA ILE A 128 1.35 -15.57 -13.51
C ILE A 128 2.44 -15.07 -12.58
N VAL A 129 3.47 -14.47 -13.14
CA VAL A 129 4.57 -13.90 -12.39
C VAL A 129 4.20 -12.46 -12.07
N TYR A 130 4.11 -12.14 -10.81
CA TYR A 130 3.65 -10.83 -10.37
C TYR A 130 4.81 -10.04 -9.78
N ASP A 131 5.19 -8.94 -10.45
CA ASP A 131 6.26 -8.06 -10.00
C ASP A 131 5.65 -6.91 -9.21
N GLY A 132 5.39 -7.18 -7.92
CA GLY A 132 4.72 -6.23 -7.05
C GLY A 132 5.69 -5.42 -6.23
N THR A 133 5.19 -4.86 -5.12
CA THR A 133 6.02 -4.04 -4.27
C THR A 133 6.94 -4.86 -3.37
N GLY A 134 6.73 -6.17 -3.31
CA GLY A 134 7.64 -7.05 -2.59
C GLY A 134 7.69 -6.83 -1.09
N ASP A 135 6.61 -6.33 -0.49
CA ASP A 135 6.69 -5.88 0.89
C ASP A 135 5.39 -6.21 1.62
N ALA A 136 5.17 -5.56 2.77
CA ALA A 136 3.98 -5.84 3.56
C ALA A 136 2.69 -5.43 2.87
N PHE A 137 2.74 -4.49 1.92
CA PHE A 137 1.54 -4.16 1.17
C PHE A 137 1.14 -5.29 0.24
N THR A 138 2.13 -5.98 -0.34
CA THR A 138 1.85 -7.15 -1.15
C THR A 138 1.17 -8.22 -0.31
N LEU A 139 1.63 -8.41 0.93
CA LEU A 139 1.03 -9.42 1.79
C LEU A 139 -0.42 -9.08 2.09
N ARG A 140 -0.69 -7.80 2.37
CA ARG A 140 -2.07 -7.40 2.67
C ARG A 140 -2.97 -7.57 1.46
N MSE A 141 -2.45 -7.33 0.27
CA MSE A 141 -3.16 -7.68 -0.95
C MSE A 141 -3.52 -9.15 -1.04
O MSE A 141 -4.69 -9.52 -1.23
CB MSE A 141 -2.32 -7.40 -2.19
CG MSE A 141 -3.10 -7.63 -3.47
SE MSE A 141 -2.07 -6.99 -5.00
CE MSE A 141 -1.06 -8.50 -5.39
H MSE A 141 -1.67 -6.99 0.13
HA MSE A 141 -3.95 -7.12 -0.94
HB2 MSE A 141 -2.02 -6.48 -2.17
HB3 MSE A 141 -1.55 -7.99 -2.19
HG2 MSE A 141 -3.27 -8.58 -3.59
HG3 MSE A 141 -3.93 -7.14 -3.42
HE1 MSE A 141 -1.66 -9.23 -5.60
HE2 MSE A 141 -0.50 -8.31 -6.15
HE3 MSE A 141 -0.52 -8.73 -4.62
N LEU A 142 -2.48 -9.98 -0.98
CA LEU A 142 -2.69 -11.43 -1.14
C LEU A 142 -3.57 -11.99 -0.06
N GLY A 143 -3.56 -11.36 1.12
CA GLY A 143 -4.42 -11.81 2.20
C GLY A 143 -5.87 -11.38 2.09
N LEU A 144 -6.22 -10.63 1.05
CA LEU A 144 -7.59 -10.12 0.94
C LEU A 144 -8.65 -11.21 1.02
N PRO A 145 -8.53 -12.34 0.34
CA PRO A 145 -9.60 -13.36 0.44
C PRO A 145 -9.90 -13.71 1.88
N GLU A 146 -8.86 -13.98 2.67
CA GLU A 146 -9.05 -14.32 4.07
C GLU A 146 -9.58 -13.14 4.86
N SER A 147 -9.03 -11.96 4.62
CA SER A 147 -9.42 -10.78 5.38
C SER A 147 -10.87 -10.41 5.12
N LEU A 148 -11.27 -10.38 3.84
CA LEU A 148 -12.68 -10.10 3.54
C LEU A 148 -13.59 -11.18 4.11
N SER A 149 -13.19 -12.46 3.99
CA SER A 149 -13.98 -13.53 4.57
C SER A 149 -14.24 -13.29 6.06
N TRP A 150 -13.21 -12.82 6.79
CA TRP A 150 -13.40 -12.58 8.21
C TRP A 150 -14.42 -11.48 8.45
N TYR A 151 -14.36 -10.39 7.66
CA TYR A 151 -15.32 -9.32 7.82
C TYR A 151 -16.74 -9.79 7.49
N VAL A 152 -16.91 -10.44 6.34
CA VAL A 152 -18.22 -10.95 5.96
C VAL A 152 -18.81 -11.77 7.10
N ARG A 153 -18.01 -12.68 7.67
CA ARG A 153 -18.52 -13.53 8.74
C ARG A 153 -18.96 -12.74 9.96
N ARG A 154 -18.35 -11.56 10.21
CA ARG A 154 -18.78 -10.74 11.34
C ARG A 154 -20.01 -9.92 11.00
N PHE A 155 -20.04 -9.29 9.82
CA PHE A 155 -21.24 -8.58 9.38
C PHE A 155 -22.45 -9.49 9.50
N ARG A 156 -22.34 -10.72 8.99
CA ARG A 156 -23.44 -11.67 9.09
C ARG A 156 -23.87 -11.86 10.54
N GLN A 157 -22.90 -12.00 11.45
CA GLN A 157 -23.23 -12.19 12.86
C GLN A 157 -24.05 -11.03 13.41
N LEU A 158 -23.91 -9.84 12.84
CA LEU A 158 -24.40 -8.63 13.48
C LEU A 158 -25.56 -7.99 12.72
N PHE A 159 -25.25 -7.31 11.62
CA PHE A 159 -26.26 -6.60 10.84
C PHE A 159 -27.35 -7.54 10.30
N VAL A 160 -27.11 -8.84 10.31
CA VAL A 160 -28.15 -9.85 10.09
C VAL A 160 -27.87 -10.95 11.12
N ASN A 161 -28.51 -12.11 10.96
CA ASN A 161 -28.35 -13.22 11.91
C ASN A 161 -28.48 -12.72 13.35
N SER A 162 -29.26 -11.66 13.53
CA SER A 162 -29.48 -11.06 14.84
C SER A 162 -30.87 -10.44 14.81
N ASP A 163 -31.35 -10.04 16.00
CA ASP A 163 -32.64 -9.36 16.05
C ASP A 163 -32.65 -8.18 15.09
N LEU A 164 -31.56 -7.42 15.05
CA LEU A 164 -31.42 -6.36 14.05
C LEU A 164 -31.71 -6.89 12.65
N GLY A 165 -31.14 -8.05 12.31
CA GLY A 165 -31.46 -8.66 11.03
C GLY A 165 -32.95 -8.83 10.81
N LYS A 166 -33.71 -9.00 11.90
CA LYS A 166 -35.17 -9.10 11.80
C LYS A 166 -35.81 -7.72 11.82
N THR A 167 -35.35 -6.81 12.69
CA THR A 167 -35.96 -5.48 12.79
C THR A 167 -35.77 -4.68 11.50
N ILE A 168 -35.07 -5.22 10.51
CA ILE A 168 -34.97 -4.61 9.19
C ILE A 168 -35.58 -5.55 8.15
N ALA A 169 -35.43 -6.86 8.36
CA ALA A 169 -36.01 -7.82 7.42
C ALA A 169 -37.53 -7.68 7.33
N GLU A 170 -38.17 -7.27 8.42
CA GLU A 170 -39.62 -7.09 8.44
C GLU A 170 -40.03 -5.63 8.39
N SER A 171 -39.18 -4.73 8.86
CA SER A 171 -39.50 -3.31 9.02
C SER A 171 -40.38 -2.82 7.88
N PRO A 172 -41.67 -2.56 8.13
CA PRO A 172 -42.51 -1.92 7.11
C PRO A 172 -42.08 -0.50 6.78
N LEU A 173 -41.05 0.01 7.47
CA LEU A 173 -40.51 1.32 7.18
C LEU A 173 -39.50 1.25 6.03
N ILE A 174 -38.60 0.28 6.07
CA ILE A 174 -37.56 0.16 5.05
C ILE A 174 -38.04 -0.63 3.83
N GLN A 175 -38.92 -1.61 4.04
CA GLN A 175 -39.40 -2.43 2.93
C GLN A 175 -39.98 -1.60 1.79
N PRO A 176 -40.90 -0.67 2.01
CA PRO A 176 -41.36 0.18 0.89
C PRO A 176 -40.24 1.01 0.31
N LEU A 177 -39.22 1.36 1.11
CA LEU A 177 -38.12 2.16 0.60
C LEU A 177 -37.25 1.37 -0.36
N ILE A 178 -37.11 0.06 -0.15
CA ILE A 178 -36.38 -0.77 -1.10
C ILE A 178 -37.27 -1.09 -2.31
N SER A 179 -38.54 -1.43 -2.06
CA SER A 179 -39.48 -1.62 -3.15
C SER A 179 -39.51 -0.41 -4.08
N SER A 180 -39.09 0.75 -3.60
CA SER A 180 -39.01 1.97 -4.40
C SER A 180 -37.56 2.17 -4.87
N PHE A 181 -37.38 2.29 -6.18
CA PHE A 181 -36.12 2.55 -6.87
C PHE A 181 -35.26 1.31 -7.02
N PHE A 182 -35.73 0.13 -6.63
CA PHE A 182 -34.97 -1.11 -6.84
C PHE A 182 -35.86 -2.18 -7.48
N ASN A 196 -23.44 -17.98 0.85
CA ASN A 196 -23.70 -16.93 -0.13
C ASN A 196 -22.80 -17.06 -1.35
N GLN A 197 -23.21 -16.43 -2.45
CA GLN A 197 -22.31 -16.32 -3.60
C GLN A 197 -20.99 -15.68 -3.20
N VAL A 198 -21.01 -14.83 -2.18
CA VAL A 198 -19.79 -14.17 -1.71
C VAL A 198 -18.79 -15.21 -1.22
N ASN A 199 -19.26 -16.14 -0.37
CA ASN A 199 -18.33 -17.07 0.26
C ASN A 199 -17.71 -18.04 -0.74
N ASN A 200 -18.46 -18.44 -1.78
CA ASN A 200 -17.85 -19.27 -2.81
C ASN A 200 -16.76 -18.51 -3.55
N PHE A 201 -16.97 -17.21 -3.75
CA PHE A 201 -15.96 -16.36 -4.38
C PHE A 201 -14.73 -16.22 -3.50
N LEU A 202 -14.93 -15.88 -2.22
CA LEU A 202 -13.80 -15.70 -1.32
C LEU A 202 -13.11 -17.03 -1.03
N ASP A 203 -13.88 -18.10 -0.86
CA ASP A 203 -13.30 -19.40 -0.52
C ASP A 203 -12.37 -19.89 -1.62
N LYS A 204 -12.70 -19.61 -2.87
CA LYS A 204 -11.81 -19.97 -3.96
C LYS A 204 -10.48 -19.24 -3.82
N GLY A 205 -10.53 -17.94 -3.51
CA GLY A 205 -9.30 -17.21 -3.26
C GLY A 205 -8.54 -17.75 -2.06
N LYS A 206 -9.26 -18.10 -0.99
CA LYS A 206 -8.60 -18.63 0.20
C LYS A 206 -7.93 -19.97 -0.07
N GLU A 207 -8.60 -20.86 -0.80
CA GLU A 207 -8.02 -22.16 -1.09
C GLU A 207 -6.78 -22.04 -1.97
N ALA A 208 -6.81 -21.11 -2.93
CA ALA A 208 -5.63 -20.90 -3.77
C ALA A 208 -4.46 -20.37 -2.93
N LEU A 209 -4.72 -19.37 -2.09
CA LEU A 209 -3.63 -18.72 -1.35
C LEU A 209 -2.88 -19.72 -0.48
N ALA A 210 -3.59 -20.70 0.07
CA ALA A 210 -3.01 -21.68 0.96
C ALA A 210 -2.29 -22.81 0.22
N ASP A 211 -2.49 -22.94 -1.10
CA ASP A 211 -1.93 -24.05 -1.86
C ASP A 211 -0.63 -23.62 -2.53
N PRO A 212 0.51 -24.19 -2.16
CA PRO A 212 1.78 -23.76 -2.77
C PRO A 212 1.84 -24.01 -4.27
N LYS A 213 1.00 -24.88 -4.81
CA LYS A 213 0.89 -25.03 -6.25
C LYS A 213 0.16 -23.87 -6.92
N ARG A 214 -0.54 -23.03 -6.15
CA ARG A 214 -1.34 -21.95 -6.69
C ARG A 214 -0.80 -20.57 -6.36
N VAL A 215 -0.19 -20.38 -5.19
CA VAL A 215 0.42 -19.10 -4.81
C VAL A 215 1.68 -19.39 -4.02
N ALA A 216 2.79 -18.81 -4.44
CA ALA A 216 4.06 -18.97 -3.75
C ALA A 216 4.90 -17.70 -3.95
N ALA A 217 5.75 -17.40 -2.97
CA ALA A 217 6.65 -16.28 -3.08
C ALA A 217 8.04 -16.74 -2.69
N PHE A 218 9.03 -16.00 -3.19
CA PHE A 218 10.43 -16.25 -2.90
C PHE A 218 11.04 -14.96 -2.38
N LEU A 219 11.91 -15.11 -1.39
CA LEU A 219 12.64 -13.97 -0.85
C LEU A 219 13.81 -13.60 -1.77
N VAL A 220 14.11 -12.30 -1.84
CA VAL A 220 15.22 -11.78 -2.63
C VAL A 220 16.03 -10.85 -1.75
N THR A 221 17.33 -11.08 -1.67
CA THR A 221 18.15 -10.36 -0.69
C THR A 221 19.61 -10.42 -1.08
N THR A 222 20.37 -9.38 -0.70
CA THR A 222 21.81 -9.44 -0.66
C THR A 222 22.26 -10.00 0.71
N ALA A 223 23.56 -10.15 0.88
CA ALA A 223 24.14 -10.60 2.14
C ALA A 223 24.23 -9.49 3.18
N ASP A 224 23.86 -8.26 2.83
CA ASP A 224 23.73 -7.19 3.81
C ASP A 224 22.84 -7.66 4.96
N PRO A 225 23.35 -7.66 6.20
CA PRO A 225 22.51 -8.09 7.33
C PRO A 225 21.21 -7.32 7.47
N LEU A 226 21.17 -6.05 7.05
CA LEU A 226 19.94 -5.27 7.12
C LEU A 226 18.89 -5.82 6.14
N GLU A 227 19.32 -6.21 4.95
CA GLU A 227 18.38 -6.87 4.03
C GLU A 227 17.97 -8.23 4.56
N VAL A 228 18.93 -8.98 5.13
CA VAL A 228 18.63 -10.32 5.63
C VAL A 228 17.55 -10.27 6.68
N VAL A 229 17.68 -9.34 7.64
CA VAL A 229 16.70 -9.26 8.71
C VAL A 229 15.35 -8.79 8.15
N SER A 230 15.38 -7.95 7.11
CA SER A 230 14.13 -7.47 6.51
C SER A 230 13.36 -8.62 5.87
N VAL A 231 14.04 -9.50 5.14
CA VAL A 231 13.33 -10.55 4.43
C VAL A 231 12.92 -11.65 5.40
N ARG A 232 13.68 -11.86 6.48
CA ARG A 232 13.22 -12.79 7.50
C ARG A 232 11.95 -12.29 8.18
N TYR A 233 11.85 -10.98 8.39
CA TYR A 233 10.62 -10.41 8.94
C TYR A 233 9.45 -10.58 7.97
N LEU A 234 9.71 -10.34 6.68
CA LEU A 234 8.69 -10.57 5.66
C LEU A 234 8.31 -12.04 5.57
N TRP A 235 9.30 -12.92 5.73
CA TRP A 235 9.08 -14.36 5.73
C TRP A 235 8.05 -14.75 6.79
N GLY A 236 8.28 -14.34 8.03
CA GLY A 236 7.32 -14.63 9.09
C GLY A 236 5.99 -13.96 8.85
N SER A 237 6.00 -12.73 8.33
CA SER A 237 4.75 -12.02 8.06
C SER A 237 3.94 -12.76 7.01
N ALA A 238 4.63 -13.32 5.98
CA ALA A 238 3.93 -14.08 4.96
C ALA A 238 3.27 -15.32 5.54
N GLN A 239 3.94 -15.98 6.48
CA GLN A 239 3.36 -17.18 7.08
C GLN A 239 2.04 -16.85 7.77
N GLN A 240 1.95 -15.65 8.36
CA GLN A 240 0.74 -15.23 9.04
C GLN A 240 -0.46 -15.23 8.12
N ILE A 241 -0.27 -14.95 6.82
CA ILE A 241 -1.37 -14.95 5.87
C ILE A 241 -1.49 -16.25 5.14
N GLY A 242 -0.63 -17.22 5.42
CA GLY A 242 -0.69 -18.49 4.75
C GLY A 242 0.01 -18.54 3.42
N LEU A 243 0.86 -17.55 3.11
CA LEU A 243 1.61 -17.52 1.85
C LEU A 243 2.85 -18.40 1.98
N THR A 244 2.92 -19.44 1.15
CA THR A 244 4.10 -20.27 1.12
C THR A 244 5.30 -19.49 0.60
N ILE A 245 6.40 -19.58 1.33
CA ILE A 245 7.68 -18.99 0.93
C ILE A 245 8.59 -20.15 0.55
N GLY A 246 8.89 -20.25 -0.73
CA GLY A 246 9.53 -21.44 -1.28
C GLY A 246 11.03 -21.45 -1.22
N GLY A 247 11.65 -20.29 -1.04
CA GLY A 247 13.11 -20.25 -1.06
C GLY A 247 13.61 -18.83 -1.09
N VAL A 248 14.94 -18.72 -1.20
CA VAL A 248 15.64 -17.45 -1.14
C VAL A 248 16.55 -17.32 -2.37
N ILE A 249 16.45 -16.17 -3.05
CA ILE A 249 17.34 -15.81 -4.15
C ILE A 249 18.30 -14.77 -3.60
N GLN A 250 19.59 -15.10 -3.63
CA GLN A 250 20.64 -14.23 -3.12
C GLN A 250 21.30 -13.52 -4.28
N VAL A 251 21.27 -12.19 -4.27
CA VAL A 251 21.76 -11.37 -5.35
C VAL A 251 23.01 -10.63 -4.86
N SER A 252 23.75 -10.07 -5.81
CA SER A 252 25.11 -9.61 -5.53
C SER A 252 25.13 -8.23 -4.86
N SER A 253 26.22 -7.97 -4.15
CA SER A 253 26.45 -6.70 -3.46
C SER A 253 27.93 -6.67 -3.06
N GLN A 254 28.33 -5.58 -2.38
CA GLN A 254 29.67 -5.49 -1.82
C GLN A 254 29.83 -6.31 -0.54
N THR A 255 28.74 -6.88 -0.01
CA THR A 255 28.78 -7.76 1.14
C THR A 255 28.80 -9.21 0.65
N GLU A 256 29.80 -9.98 1.08
CA GLU A 256 29.85 -11.41 0.84
C GLU A 256 29.39 -12.14 2.10
N GLY A 257 28.86 -13.36 1.90
CA GLY A 257 28.37 -14.15 3.00
C GLY A 257 27.60 -15.36 2.54
N ASP A 258 27.71 -16.45 3.28
CA ASP A 258 26.88 -17.63 3.08
C ASP A 258 25.64 -17.46 3.96
N LEU A 259 24.46 -17.44 3.34
CA LEU A 259 23.21 -17.16 4.03
C LEU A 259 22.40 -18.40 4.36
N SER A 260 22.92 -19.59 4.02
CA SER A 260 22.18 -20.82 4.25
C SER A 260 21.70 -20.96 5.69
N ALA A 261 22.57 -20.66 6.64
CA ALA A 261 22.20 -20.80 8.05
C ALA A 261 21.15 -19.77 8.46
N GLU A 262 21.05 -18.66 7.77
CA GLU A 262 20.08 -17.63 8.13
C GLU A 262 18.68 -17.94 7.63
N PHE A 263 18.54 -18.97 6.78
CA PHE A 263 17.26 -19.27 6.16
C PHE A 263 16.89 -20.75 6.24
N THR A 264 17.57 -21.52 7.08
CA THR A 264 17.19 -22.90 7.31
C THR A 264 15.68 -23.00 7.58
N PRO A 265 14.96 -23.94 6.96
CA PRO A 265 15.39 -25.01 6.06
C PRO A 265 15.28 -24.67 4.58
N LEU A 266 15.22 -23.41 4.21
CA LEU A 266 14.96 -23.05 2.82
C LEU A 266 16.24 -23.12 2.01
N SER A 267 16.08 -23.41 0.74
CA SER A 267 17.19 -23.38 -0.21
C SER A 267 17.50 -21.93 -0.58
N VAL A 268 18.77 -21.57 -0.50
CA VAL A 268 19.27 -20.27 -0.91
C VAL A 268 19.98 -20.44 -2.24
N THR A 269 19.53 -19.73 -3.26
CA THR A 269 20.09 -19.84 -4.61
C THR A 269 20.81 -18.55 -4.94
N VAL A 270 22.13 -18.64 -5.13
CA VAL A 270 22.95 -17.47 -5.48
C VAL A 270 22.88 -17.28 -7.00
N VAL A 271 22.56 -16.06 -7.43
CA VAL A 271 22.38 -15.80 -8.87
C VAL A 271 23.24 -14.63 -9.34
N PRO A 272 23.62 -14.60 -10.61
CA PRO A 272 24.43 -13.49 -11.14
C PRO A 272 23.56 -12.33 -11.57
N ASP A 273 24.22 -11.22 -11.90
CA ASP A 273 23.52 -10.03 -12.35
C ASP A 273 23.22 -10.15 -13.85
N VAL A 274 22.46 -9.18 -14.35
CA VAL A 274 22.08 -9.07 -15.75
C VAL A 274 22.80 -7.84 -16.31
N THR A 275 23.63 -8.04 -17.32
CA THR A 275 24.39 -6.96 -17.94
C THR A 275 24.10 -6.90 -19.43
N LYS A 276 23.82 -5.70 -19.94
CA LYS A 276 23.67 -5.45 -21.37
C LYS A 276 22.64 -6.39 -21.99
N GLY A 277 21.59 -6.70 -21.22
CA GLY A 277 20.49 -7.47 -21.75
C GLY A 277 20.76 -8.93 -21.99
N ASP A 278 21.85 -9.49 -21.46
CA ASP A 278 22.11 -10.93 -21.60
C ASP A 278 21.50 -11.63 -20.38
N TRP A 279 20.29 -12.17 -20.56
CA TRP A 279 19.52 -12.77 -19.46
C TRP A 279 19.91 -14.20 -19.17
N GLN A 280 20.73 -14.84 -20.02
CA GLN A 280 20.85 -16.29 -19.97
C GLN A 280 21.56 -16.77 -18.70
N PRO A 281 22.60 -16.09 -18.21
CA PRO A 281 23.25 -16.56 -16.98
C PRO A 281 22.32 -16.52 -15.77
N LEU A 282 21.54 -15.44 -15.61
CA LEU A 282 20.53 -15.42 -14.57
C LEU A 282 19.51 -16.53 -14.77
N ILE A 283 18.96 -16.64 -15.98
CA ILE A 283 18.00 -17.70 -16.26
C ILE A 283 18.56 -19.05 -15.84
N ASP A 284 19.82 -19.32 -16.17
CA ASP A 284 20.40 -20.64 -15.94
C ASP A 284 20.62 -20.92 -14.46
N ALA A 285 20.69 -19.89 -13.62
CA ALA A 285 20.99 -20.07 -12.21
C ALA A 285 19.75 -20.17 -11.35
N LEU A 286 18.58 -19.89 -11.89
CA LEU A 286 17.36 -19.86 -11.12
C LEU A 286 16.99 -21.25 -10.62
N PRO A 287 16.35 -21.34 -9.46
CA PRO A 287 15.94 -22.65 -8.94
C PRO A 287 14.65 -23.13 -9.59
N ASN A 288 14.27 -24.35 -9.26
CA ASN A 288 12.98 -24.90 -9.63
C ASN A 288 11.95 -24.38 -8.64
N PHE A 289 11.26 -23.31 -9.02
CA PHE A 289 10.36 -22.63 -8.09
C PHE A 289 9.25 -23.54 -7.61
N VAL A 290 8.70 -24.36 -8.51
CA VAL A 290 7.57 -25.21 -8.18
C VAL A 290 7.98 -26.25 -7.15
N GLU A 291 9.12 -26.92 -7.37
CA GLU A 291 9.54 -27.96 -6.45
C GLU A 291 9.87 -27.40 -5.06
N GLN A 292 10.53 -26.25 -5.00
CA GLN A 292 10.94 -25.69 -3.71
C GLN A 292 9.72 -25.22 -2.92
N ALA A 293 8.74 -24.61 -3.59
CA ALA A 293 7.50 -24.24 -2.89
C ALA A 293 6.80 -25.46 -2.32
N GLU A 294 6.81 -26.57 -3.06
CA GLU A 294 6.12 -27.77 -2.60
C GLU A 294 6.83 -28.39 -1.38
N GLN A 295 8.13 -28.19 -1.26
CA GLN A 295 8.90 -28.73 -0.15
C GLN A 295 9.05 -27.76 1.02
N ALA A 296 8.56 -26.53 0.90
CA ALA A 296 8.76 -25.55 1.95
C ALA A 296 7.89 -25.86 3.16
N PRO A 297 8.24 -25.30 4.32
CA PRO A 297 7.41 -25.49 5.52
C PRO A 297 5.96 -25.07 5.31
N LYS A 298 5.06 -25.68 6.11
CA LYS A 298 3.64 -25.33 6.09
C LYS A 298 3.37 -24.22 7.10
N PRO A 299 2.64 -23.17 6.71
CA PRO A 299 2.35 -22.09 7.67
C PRO A 299 1.65 -22.56 8.94
N ILE A 300 0.71 -23.50 8.85
CA ILE A 300 -0.08 -23.89 10.01
C ILE A 300 -0.43 -25.37 9.91
N THR A 301 -0.25 -26.10 11.00
CA THR A 301 -0.83 -27.42 11.15
C THR A 301 -1.53 -27.49 12.49
N ILE A 302 -2.58 -28.30 12.56
CA ILE A 302 -3.34 -28.50 13.78
C ILE A 302 -3.29 -29.97 14.16
N ASP A 303 -2.85 -30.24 15.38
CA ASP A 303 -2.73 -31.60 15.91
C ASP A 303 -3.91 -31.81 16.83
N THR A 304 -4.95 -32.50 16.34
CA THR A 304 -6.17 -32.61 17.14
C THR A 304 -6.02 -33.60 18.28
N HIS A 305 -5.08 -34.54 18.19
CA HIS A 305 -4.90 -35.51 19.26
C HIS A 305 -4.20 -34.88 20.46
N ASN A 306 -3.07 -34.22 20.23
CA ASN A 306 -2.36 -33.54 21.30
C ASN A 306 -2.90 -32.13 21.54
N ARG A 307 -3.90 -31.69 20.79
CA ARG A 307 -4.57 -30.41 21.02
C ARG A 307 -3.57 -29.26 20.96
N GLN A 308 -3.00 -29.09 19.77
CA GLN A 308 -1.95 -28.11 19.56
C GLN A 308 -2.09 -27.48 18.19
N VAL A 309 -1.74 -26.20 18.10
CA VAL A 309 -1.58 -25.49 16.83
C VAL A 309 -0.09 -25.26 16.64
N ARG A 310 0.43 -25.56 15.44
CA ARG A 310 1.84 -25.37 15.14
C ARG A 310 1.94 -24.33 14.03
N LEU A 311 2.48 -23.16 14.33
CA LEU A 311 2.60 -22.06 13.37
C LEU A 311 4.07 -21.86 13.03
N PHE A 312 4.37 -21.88 11.74
CA PHE A 312 5.72 -21.57 11.28
C PHE A 312 5.90 -20.06 11.27
N LEU A 313 6.76 -19.55 12.13
CA LEU A 313 6.90 -18.11 12.36
C LEU A 313 8.37 -17.71 12.46
N PRO A 314 9.14 -17.97 11.42
CA PRO A 314 10.53 -17.51 11.38
C PRO A 314 10.57 -16.00 11.45
N GLY A 315 11.62 -15.48 12.06
CA GLY A 315 11.82 -14.06 12.11
C GLY A 315 11.20 -13.38 13.31
N PHE A 316 10.56 -14.13 14.19
CA PHE A 316 9.93 -13.60 15.38
C PHE A 316 10.30 -14.45 16.59
N ASP A 317 10.31 -13.82 17.76
CA ASP A 317 10.44 -14.47 19.06
C ASP A 317 9.16 -14.21 19.87
N LYS A 318 9.10 -14.77 21.07
CA LYS A 318 7.83 -14.72 21.79
C LYS A 318 7.42 -13.30 22.12
N LYS A 319 8.40 -12.40 22.35
CA LYS A 319 8.07 -11.02 22.68
C LYS A 319 7.37 -10.30 21.53
N GLN A 320 7.55 -10.75 20.29
CA GLN A 320 7.00 -10.09 19.12
C GLN A 320 5.67 -10.69 18.67
N VAL A 321 5.17 -11.72 19.35
CA VAL A 321 3.97 -12.43 18.96
C VAL A 321 2.96 -12.33 20.09
N LYS A 322 1.76 -11.84 19.80
CA LYS A 322 0.71 -11.71 20.79
C LYS A 322 -0.42 -12.66 20.45
N LEU A 323 -0.93 -13.35 21.46
CA LEU A 323 -2.07 -14.23 21.31
C LEU A 323 -3.28 -13.65 22.05
N THR A 324 -4.45 -13.79 21.43
CA THR A 324 -5.72 -13.38 21.99
C THR A 324 -6.71 -14.51 21.74
N GLN A 325 -7.54 -14.79 22.75
CA GLN A 325 -8.45 -15.92 22.68
C GLN A 325 -9.81 -15.48 23.18
N TYR A 326 -10.76 -15.40 22.26
CA TYR A 326 -12.13 -14.97 22.51
C TYR A 326 -13.05 -16.09 22.04
N GLY A 327 -13.68 -16.77 23.00
CA GLY A 327 -14.53 -17.91 22.66
C GLY A 327 -13.83 -18.92 21.77
N PRO A 328 -14.43 -19.25 20.63
CA PRO A 328 -13.85 -20.26 19.74
C PRO A 328 -12.78 -19.74 18.79
N GLU A 329 -12.37 -18.48 18.92
CA GLU A 329 -11.40 -17.87 18.02
C GLU A 329 -10.12 -17.53 18.77
N VAL A 330 -8.98 -17.76 18.12
CA VAL A 330 -7.68 -17.35 18.61
C VAL A 330 -7.08 -16.41 17.56
N THR A 331 -6.58 -15.26 18.01
CA THR A 331 -5.90 -14.31 17.13
C THR A 331 -4.41 -14.34 17.43
N VAL A 332 -3.59 -14.51 16.38
CA VAL A 332 -2.14 -14.46 16.49
C VAL A 332 -1.68 -13.21 15.75
N GLU A 333 -0.99 -12.32 16.47
CA GLU A 333 -0.50 -11.07 15.87
C GLU A 333 1.03 -11.10 15.88
N ALA A 334 1.61 -10.89 14.72
CA ALA A 334 3.05 -10.93 14.53
C ALA A 334 3.35 -10.27 13.19
N GLY A 335 4.44 -9.51 13.13
CA GLY A 335 4.82 -8.80 11.93
C GLY A 335 3.72 -7.91 11.38
N ASP A 336 2.93 -7.32 12.28
CA ASP A 336 1.81 -6.43 11.94
C ASP A 336 0.81 -7.12 11.02
N GLN A 337 0.68 -8.43 11.15
CA GLN A 337 -0.34 -9.22 10.50
C GLN A 337 -1.10 -9.96 11.59
N ARG A 338 -2.32 -10.35 11.29
CA ARG A 338 -3.18 -11.02 12.26
C ARG A 338 -3.75 -12.27 11.61
N ARG A 339 -3.47 -13.42 12.19
CA ARG A 339 -4.12 -14.67 11.78
C ARG A 339 -5.24 -14.95 12.78
N ASN A 340 -6.43 -15.15 12.27
CA ASN A 340 -7.59 -15.54 13.07
C ASN A 340 -7.77 -17.05 12.88
N ILE A 341 -7.70 -17.79 13.98
CA ILE A 341 -7.84 -19.24 13.95
C ILE A 341 -9.20 -19.57 14.57
N PHE A 342 -10.10 -20.13 13.78
CA PHE A 342 -11.34 -20.68 14.31
C PHE A 342 -11.05 -22.10 14.78
N LEU A 343 -11.18 -22.32 16.05
CA LEU A 343 -10.68 -23.55 16.65
C LEU A 343 -11.61 -24.72 16.33
N PRO A 344 -11.07 -25.88 15.99
CA PRO A 344 -11.91 -27.07 15.74
C PRO A 344 -12.37 -27.67 17.06
N PRO A 345 -13.16 -28.74 17.01
CA PRO A 345 -13.76 -29.28 18.26
C PRO A 345 -12.77 -29.77 19.29
N ALA A 346 -11.64 -30.34 18.85
CA ALA A 346 -10.64 -30.81 19.79
C ALA A 346 -10.01 -29.69 20.61
N LEU A 347 -10.11 -28.44 20.16
CA LEU A 347 -9.44 -27.31 20.80
C LEU A 347 -10.40 -26.28 21.36
N SER A 348 -11.59 -26.14 20.78
CA SER A 348 -12.50 -25.07 21.17
C SER A 348 -12.89 -25.19 22.65
N GLY A 349 -12.96 -24.04 23.32
CA GLY A 349 -13.38 -24.00 24.72
C GLY A 349 -12.30 -24.36 25.72
N ARG A 350 -11.07 -24.67 25.28
CA ARG A 350 -10.01 -25.08 26.17
C ARG A 350 -9.02 -23.95 26.34
N PRO A 351 -8.70 -23.57 27.57
CA PRO A 351 -7.67 -22.53 27.77
C PRO A 351 -6.33 -22.90 27.15
N ILE A 352 -5.67 -21.90 26.55
CA ILE A 352 -4.28 -22.10 26.11
C ILE A 352 -3.40 -22.29 27.33
N THR A 353 -2.57 -23.34 27.31
CA THR A 353 -1.68 -23.66 28.42
C THR A 353 -0.22 -23.46 28.08
N GLY A 354 0.09 -22.99 26.89
CA GLY A 354 1.47 -22.84 26.48
C GLY A 354 1.56 -22.29 25.07
N ALA A 355 2.55 -21.43 24.84
CA ALA A 355 2.83 -20.93 23.49
C ALA A 355 4.33 -20.72 23.43
N LYS A 356 5.05 -21.70 22.89
CA LYS A 356 6.51 -21.72 22.99
C LYS A 356 7.11 -21.96 21.62
N PHE A 357 8.20 -21.28 21.34
CA PHE A 357 8.91 -21.45 20.08
C PHE A 357 9.83 -22.66 20.17
N GLN A 358 9.76 -23.52 19.18
CA GLN A 358 10.74 -24.58 18.98
C GLN A 358 11.11 -24.57 17.51
N ASN A 359 12.39 -24.24 17.21
CA ASN A 359 12.94 -24.34 15.85
C ASN A 359 12.08 -23.56 14.82
N ASN A 360 11.77 -22.32 15.16
CA ASN A 360 11.03 -21.34 14.36
C ASN A 360 9.53 -21.61 14.28
N TYR A 361 9.03 -22.63 14.98
CA TYR A 361 7.60 -22.93 15.06
C TYR A 361 7.09 -22.47 16.42
N LEU A 362 5.98 -21.75 16.43
CA LEU A 362 5.24 -21.48 17.66
C LEU A 362 4.25 -22.62 17.88
N ILE A 363 4.39 -23.31 19.01
CA ILE A 363 3.52 -24.44 19.36
C ILE A 363 2.55 -23.94 20.42
N ILE A 364 1.26 -23.88 20.09
CA ILE A 364 0.22 -23.40 21.00
C ILE A 364 -0.47 -24.63 21.55
N SER A 365 -0.45 -24.77 22.87
CA SER A 365 -1.02 -25.92 23.57
C SER A 365 -2.34 -25.55 24.22
N PHE A 366 -3.27 -26.51 24.26
CA PHE A 366 -4.59 -26.31 24.84
C PHE A 366 -4.84 -27.31 25.97
N LEU A 367 -5.55 -26.84 26.99
CA LEU A 367 -5.71 -27.59 28.24
C LEU A 367 -6.45 -28.89 28.03
N GLU A 368 -5.91 -29.98 28.60
CA GLU A 368 -6.56 -31.28 28.49
C GLU A 368 -7.63 -31.46 29.56
N HIS A 369 -7.34 -31.07 30.79
CA HIS A 369 -8.23 -31.29 31.93
C HIS A 369 -9.26 -30.18 32.08
N ALA B 2 3.62 21.18 12.01
CA ALA B 2 5.00 20.72 11.82
C ALA B 2 5.28 20.49 10.34
N LEU B 3 6.55 20.33 10.00
CA LEU B 3 6.96 19.89 8.68
C LEU B 3 6.94 18.37 8.67
N ILE B 4 6.18 17.78 7.76
CA ILE B 4 6.28 16.36 7.47
C ILE B 4 7.29 16.19 6.33
N LEU B 5 8.35 15.43 6.62
CA LEU B 5 9.46 15.23 5.70
C LEU B 5 9.60 13.74 5.40
N THR B 6 9.61 13.39 4.13
CA THR B 6 9.68 11.99 3.72
C THR B 6 10.55 11.86 2.49
N PHE B 7 10.79 10.61 2.09
CA PHE B 7 11.76 10.28 1.05
C PHE B 7 11.21 9.24 0.11
N LEU B 8 11.46 9.45 -1.19
CA LEU B 8 10.98 8.58 -2.25
C LEU B 8 12.18 7.98 -2.96
N GLY B 9 12.13 6.67 -3.19
CA GLY B 9 13.27 5.97 -3.76
C GLY B 9 13.03 4.48 -3.73
N LYS B 10 13.86 3.75 -4.49
CA LYS B 10 13.65 2.33 -4.73
C LYS B 10 14.30 1.39 -3.72
N SER B 11 15.21 1.88 -2.88
CA SER B 11 15.93 1.05 -1.93
C SER B 11 15.62 1.51 -0.52
N GLY B 12 14.97 0.64 0.27
CA GLY B 12 14.50 1.06 1.58
C GLY B 12 15.62 1.34 2.57
N VAL B 13 16.72 0.59 2.48
CA VAL B 13 17.77 0.73 3.49
C VAL B 13 18.38 2.12 3.41
N ALA B 14 18.70 2.57 2.19
CA ALA B 14 19.23 3.93 2.04
C ALA B 14 18.24 4.97 2.52
N ARG B 15 16.95 4.77 2.25
CA ARG B 15 15.94 5.72 2.70
C ARG B 15 15.84 5.77 4.22
N THR B 16 15.88 4.61 4.88
CA THR B 16 15.85 4.63 6.34
C THR B 16 17.11 5.31 6.92
N LYS B 17 18.27 5.02 6.33
CA LYS B 17 19.49 5.69 6.79
C LYS B 17 19.37 7.20 6.66
N ILE B 18 18.85 7.68 5.53
CA ILE B 18 18.73 9.12 5.32
C ILE B 18 17.71 9.73 6.29
N ALA B 19 16.62 9.02 6.54
CA ALA B 19 15.61 9.50 7.49
C ALA B 19 16.20 9.63 8.88
N ILE B 20 16.96 8.61 9.33
CA ILE B 20 17.60 8.68 10.63
C ILE B 20 18.56 9.85 10.71
N ALA B 21 19.38 10.02 9.68
CA ALA B 21 20.37 11.09 9.69
C ALA B 21 19.70 12.45 9.66
N ALA B 22 18.68 12.61 8.83
CA ALA B 22 17.92 13.86 8.82
C ALA B 22 17.33 14.16 10.18
N ALA B 23 16.77 13.16 10.86
CA ALA B 23 16.21 13.39 12.18
C ALA B 23 17.29 13.78 13.18
N LYS B 24 18.44 13.12 13.13
CA LYS B 24 19.53 13.46 14.03
C LYS B 24 20.03 14.86 13.75
N LEU B 25 20.14 15.22 12.47
CA LEU B 25 20.60 16.56 12.10
C LEU B 25 19.67 17.63 12.64
N LEU B 26 18.37 17.54 12.29
CA LEU B 26 17.44 18.59 12.66
C LEU B 26 17.30 18.70 14.17
N ALA B 27 17.36 17.56 14.88
CA ALA B 27 17.28 17.60 16.34
C ALA B 27 18.48 18.32 16.93
N SER B 28 19.68 18.07 16.39
CA SER B 28 20.88 18.73 16.88
C SER B 28 20.86 20.24 16.61
N GLN B 29 20.02 20.69 15.69
CA GLN B 29 19.88 22.10 15.39
C GLN B 29 18.77 22.77 16.19
N GLY B 30 18.18 22.05 17.14
CA GLY B 30 17.18 22.63 18.02
C GLY B 30 15.74 22.36 17.67
N LYS B 31 15.48 21.69 16.55
CA LYS B 31 14.10 21.38 16.18
C LYS B 31 13.61 20.16 16.95
N ARG B 32 12.35 20.21 17.38
CA ARG B 32 11.71 19.08 18.05
C ARG B 32 11.29 18.09 16.98
N VAL B 33 11.91 16.90 16.98
CA VAL B 33 11.76 15.94 15.89
C VAL B 33 11.05 14.69 16.40
N LEU B 34 10.08 14.21 15.62
CA LEU B 34 9.52 12.88 15.76
C LEU B 34 9.91 12.09 14.52
N LEU B 35 10.57 10.94 14.73
CA LEU B 35 10.94 10.02 13.65
C LEU B 35 9.96 8.85 13.71
N ALA B 36 9.24 8.62 12.59
CA ALA B 36 8.18 7.62 12.53
C ALA B 36 8.46 6.66 11.40
N GLY B 37 8.38 5.36 11.70
CA GLY B 37 8.54 4.32 10.70
C GLY B 37 7.41 3.31 10.77
N LEU B 38 7.44 2.37 9.83
CA LEU B 38 6.42 1.36 9.71
C LEU B 38 6.91 0.07 10.34
N ALA B 39 6.13 -1.00 10.18
CA ALA B 39 6.41 -2.29 10.83
C ALA B 39 7.50 -2.99 10.04
N GLU B 40 8.74 -2.81 10.48
CA GLU B 40 9.89 -3.43 9.83
C GLU B 40 11.11 -3.27 10.75
N PRO B 41 12.13 -4.14 10.58
CA PRO B 41 13.18 -4.23 11.60
C PRO B 41 14.42 -3.38 11.39
N VAL B 42 14.58 -2.69 10.26
CA VAL B 42 15.83 -1.99 9.98
C VAL B 42 15.98 -0.76 10.86
N LEU B 43 14.93 0.06 10.96
CA LEU B 43 15.02 1.28 11.75
C LEU B 43 15.40 0.99 13.19
N PRO B 44 14.75 0.06 13.89
CA PRO B 44 15.21 -0.27 15.26
C PRO B 44 16.65 -0.74 15.32
N LEU B 45 17.09 -1.50 14.34
CA LEU B 45 18.45 -2.04 14.36
C LEU B 45 19.48 -0.95 14.11
N LEU B 46 19.20 -0.03 13.19
CA LEU B 46 20.12 1.07 12.95
C LEU B 46 20.17 2.02 14.14
N LEU B 47 19.06 2.16 14.85
CA LEU B 47 19.03 3.00 16.05
C LEU B 47 19.50 2.26 17.29
N GLU B 48 19.69 0.94 17.20
CA GLU B 48 20.06 0.13 18.37
C GLU B 48 19.06 0.34 19.48
N GLN B 49 17.79 0.51 19.10
CA GLN B 49 16.74 0.84 20.05
C GLN B 49 15.50 0.05 19.68
N THR B 50 14.92 -0.65 20.67
CA THR B 50 13.64 -1.28 20.48
C THR B 50 12.56 -0.19 20.37
N LEU B 51 11.71 -0.32 19.36
CA LEU B 51 10.69 0.69 19.09
C LEU B 51 9.31 0.15 19.42
N THR B 52 8.39 1.08 19.70
CA THR B 52 7.03 0.75 20.12
C THR B 52 6.02 1.64 19.41
N PRO B 53 4.71 1.42 19.62
CA PRO B 53 3.70 2.30 19.00
C PRO B 53 3.57 3.66 19.68
N ASP B 54 4.47 3.97 20.62
CA ASP B 54 4.43 5.26 21.30
C ASP B 54 5.80 5.93 21.24
N PRO B 55 5.84 7.25 21.05
CA PRO B 55 7.14 7.92 20.93
C PRO B 55 8.04 7.66 22.13
N GLN B 56 9.32 7.44 21.83
CA GLN B 56 10.37 7.26 22.83
C GLN B 56 11.49 8.27 22.54
N GLN B 57 11.86 9.05 23.55
CA GLN B 57 13.02 9.92 23.40
C GLN B 57 14.30 9.09 23.34
N ILE B 58 15.19 9.43 22.40
CA ILE B 58 16.43 8.70 22.22
C ILE B 58 17.60 9.67 22.21
N ALA B 59 17.31 10.95 22.10
CA ALA B 59 18.32 11.99 22.17
C ALA B 59 17.60 13.32 22.39
N PRO B 60 18.32 14.39 22.72
CA PRO B 60 17.65 15.68 22.91
C PRO B 60 16.91 16.10 21.64
N ASN B 61 15.64 16.45 21.81
CA ASN B 61 14.75 16.90 20.74
C ASN B 61 14.40 15.79 19.74
N LEU B 62 14.69 14.53 20.07
CA LEU B 62 14.49 13.43 19.13
C LEU B 62 13.72 12.31 19.80
N GLU B 63 12.48 12.12 19.35
CA GLU B 63 11.64 11.00 19.74
C GLU B 63 11.40 10.10 18.54
N VAL B 64 11.21 8.81 18.79
CA VAL B 64 11.01 7.85 17.70
C VAL B 64 9.82 6.96 18.00
N VAL B 65 9.10 6.58 16.95
CA VAL B 65 7.90 5.76 17.06
C VAL B 65 7.80 4.86 15.83
N GLN B 66 7.14 3.72 15.99
CA GLN B 66 6.89 2.78 14.89
C GLN B 66 5.40 2.58 14.72
N PHE B 67 4.88 2.90 13.54
CA PHE B 67 3.47 2.65 13.26
C PHE B 67 3.23 1.16 13.04
N GLN B 68 2.28 0.60 13.79
CA GLN B 68 1.74 -0.72 13.54
C GLN B 68 0.26 -0.59 13.22
N SER B 69 -0.11 -0.93 11.99
CA SER B 69 -1.51 -0.80 11.57
C SER B 69 -2.44 -1.49 12.55
N SER B 70 -2.02 -2.65 13.04
CA SER B 70 -2.86 -3.42 13.96
C SER B 70 -3.18 -2.64 15.21
N VAL B 71 -2.19 -1.92 15.74
CA VAL B 71 -2.42 -1.16 16.96
C VAL B 71 -3.22 0.11 16.68
N LEU B 72 -2.90 0.80 15.57
CA LEU B 72 -3.67 1.99 15.23
C LEU B 72 -5.14 1.63 15.03
N LEU B 73 -5.42 0.52 14.35
CA LEU B 73 -6.81 0.11 14.12
C LEU B 73 -7.50 -0.17 15.45
N GLU B 74 -6.83 -0.94 16.31
CA GLU B 74 -7.39 -1.27 17.62
C GLU B 74 -7.67 -0.02 18.44
N ARG B 75 -6.76 0.96 18.42
CA ARG B 75 -7.01 2.18 19.17
C ARG B 75 -8.14 3.01 18.56
N ASN B 76 -8.27 2.99 17.24
CA ASN B 76 -9.42 3.65 16.61
C ASN B 76 -10.73 2.93 16.94
N TRP B 77 -10.69 1.60 17.10
CA TRP B 77 -11.90 0.85 17.39
C TRP B 77 -12.49 1.27 18.72
N GLU B 78 -11.64 1.45 19.74
CA GLU B 78 -12.14 1.84 21.06
C GLU B 78 -12.85 3.19 21.00
N GLU B 79 -12.45 4.07 20.08
CA GLU B 79 -13.19 5.31 19.89
C GLU B 79 -14.51 5.06 19.19
N VAL B 80 -14.55 4.10 18.26
CA VAL B 80 -15.81 3.74 17.62
C VAL B 80 -16.75 3.10 18.63
N LYS B 81 -16.22 2.35 19.60
CA LYS B 81 -17.05 1.66 20.57
C LYS B 81 -17.65 2.62 21.59
N LYS B 82 -16.92 3.69 21.92
CA LYS B 82 -17.49 4.69 22.81
C LYS B 82 -18.59 5.48 22.12
N LEU B 83 -18.41 5.77 20.83
CA LEU B 83 -19.46 6.46 20.08
C LEU B 83 -20.73 5.62 20.02
N GLU B 84 -20.60 4.30 19.94
CA GLU B 84 -21.76 3.43 20.03
C GLU B 84 -22.53 3.69 21.33
N ALA B 85 -21.82 3.68 22.46
CA ALA B 85 -22.46 3.90 23.76
C ALA B 85 -23.12 5.27 23.86
N GLN B 86 -22.80 6.19 22.95
CA GLN B 86 -23.27 7.56 23.03
C GLN B 86 -24.36 7.90 22.03
N TYR B 87 -24.47 7.18 20.92
CA TYR B 87 -25.39 7.54 19.85
C TYR B 87 -26.00 6.31 19.20
N LEU B 88 -26.60 5.45 20.01
CA LEU B 88 -27.32 4.30 19.47
C LEU B 88 -28.10 3.64 20.60
N ARG B 89 -29.33 3.24 20.29
CA ARG B 89 -30.20 2.64 21.30
C ARG B 89 -29.61 1.31 21.77
N THR B 90 -29.56 0.32 20.89
CA THR B 90 -29.00 -0.99 21.21
C THR B 90 -27.63 -1.12 20.58
N PRO B 91 -26.57 -1.35 21.36
CA PRO B 91 -25.25 -1.52 20.74
C PRO B 91 -25.23 -2.72 19.79
N ILE B 92 -24.47 -2.58 18.72
CA ILE B 92 -24.23 -3.66 17.77
C ILE B 92 -22.81 -4.18 17.88
N ILE B 93 -21.83 -3.27 17.85
CA ILE B 93 -20.42 -3.66 17.76
C ILE B 93 -19.74 -3.76 19.12
N LYS B 94 -20.45 -3.48 20.21
CA LYS B 94 -19.82 -3.46 21.54
C LYS B 94 -19.14 -4.78 21.88
N GLU B 95 -19.51 -5.87 21.22
CA GLU B 95 -18.95 -7.19 21.51
C GLU B 95 -17.86 -7.62 20.52
N VAL B 96 -17.50 -6.76 19.57
CA VAL B 96 -16.36 -7.01 18.68
C VAL B 96 -15.12 -6.41 19.31
N TYR B 97 -14.05 -7.19 19.37
CA TYR B 97 -12.87 -6.80 20.13
C TYR B 97 -11.75 -6.30 19.22
N GLY B 98 -11.12 -5.21 19.63
CA GLY B 98 -10.11 -4.58 18.79
C GLY B 98 -8.98 -5.51 18.41
N GLN B 99 -8.66 -6.48 19.27
CA GLN B 99 -7.53 -7.37 18.98
C GLN B 99 -7.77 -8.20 17.73
N GLU B 100 -9.03 -8.35 17.34
CA GLU B 100 -9.41 -9.24 16.24
C GLU B 100 -9.50 -8.54 14.91
N LEU B 101 -9.71 -7.23 14.90
CA LEU B 101 -9.91 -6.50 13.66
C LEU B 101 -8.75 -6.77 12.71
N VAL B 102 -9.07 -6.91 11.43
CA VAL B 102 -8.11 -7.20 10.40
C VAL B 102 -7.91 -5.93 9.60
N VAL B 103 -6.66 -5.59 9.33
CA VAL B 103 -6.31 -4.41 8.55
C VAL B 103 -6.46 -4.76 7.07
N LEU B 104 -7.36 -4.05 6.37
CA LEU B 104 -7.42 -4.27 4.92
C LEU B 104 -6.50 -3.32 4.19
N PRO B 105 -6.20 -3.57 2.91
CA PRO B 105 -5.48 -2.56 2.13
C PRO B 105 -6.23 -1.24 2.16
N GLY B 106 -5.46 -0.15 2.22
CA GLY B 106 -6.02 1.21 2.25
C GLY B 106 -6.26 1.70 3.63
N MSE B 107 -6.80 0.83 4.47
CA MSE B 107 -6.93 1.05 5.88
C MSE B 107 -5.58 1.30 6.50
O MSE B 107 -5.42 2.22 7.32
CB MSE B 107 -7.63 -0.20 6.43
CG MSE B 107 -7.73 -0.40 7.88
SE MSE B 107 -9.30 -1.59 8.16
CE MSE B 107 -10.41 -1.46 6.68
H MSE B 107 -7.11 0.06 4.21
HA MSE B 107 -7.48 1.82 6.11
HB2 MSE B 107 -8.55 -0.20 6.10
HB3 MSE B 107 -7.16 -0.98 6.09
HG2 MSE B 107 -6.93 -0.82 8.22
HG3 MSE B 107 -7.87 0.45 8.32
HE1 MSE B 107 -9.95 -1.81 5.90
HE2 MSE B 107 -11.22 -1.97 6.85
HE3 MSE B 107 -10.65 -0.53 6.54
N ASP B 108 -4.56 0.55 6.07
CA ASP B 108 -3.23 0.75 6.62
C ASP B 108 -2.74 2.18 6.36
N SER B 109 -2.98 2.71 5.16
CA SER B 109 -2.52 4.04 4.81
C SER B 109 -3.34 5.14 5.51
N ALA B 110 -4.65 4.96 5.62
CA ALA B 110 -5.47 5.94 6.31
C ALA B 110 -5.10 6.01 7.79
N LEU B 111 -4.88 4.86 8.41
CA LEU B 111 -4.53 4.84 9.84
C LEU B 111 -3.21 5.56 10.07
N ALA B 112 -2.22 5.34 9.20
CA ALA B 112 -0.92 5.98 9.38
C ALA B 112 -1.01 7.49 9.13
N LEU B 113 -1.76 7.90 8.09
CA LEU B 113 -1.86 9.33 7.82
C LEU B 113 -2.57 10.04 8.97
N ASN B 114 -3.60 9.39 9.54
CA ASN B 114 -4.29 9.96 10.69
C ASN B 114 -3.38 10.01 11.92
N ALA B 115 -2.52 9.01 12.10
CA ALA B 115 -1.57 9.08 13.20
C ALA B 115 -0.62 10.25 13.01
N ILE B 116 -0.13 10.45 11.79
CA ILE B 116 0.68 11.63 11.50
C ILE B 116 -0.10 12.90 11.81
N ARG B 117 -1.35 12.96 11.34
CA ARG B 117 -2.18 14.13 11.59
C ARG B 117 -2.24 14.43 13.08
N GLU B 118 -2.51 13.41 13.90
CA GLU B 118 -2.59 13.60 15.33
C GLU B 118 -1.28 14.16 15.90
N TYR B 119 -0.14 13.62 15.45
CA TYR B 119 1.13 14.11 15.96
C TYR B 119 1.39 15.54 15.51
N ASP B 120 0.97 15.88 14.29
CA ASP B 120 1.11 17.25 13.82
C ASP B 120 0.19 18.20 14.58
N ALA B 121 -1.02 17.75 14.89
CA ALA B 121 -1.97 18.60 15.61
C ALA B 121 -1.52 18.87 17.03
N SER B 122 -0.73 17.96 17.61
CA SER B 122 -0.35 18.10 19.01
C SER B 122 0.54 19.30 19.27
N GLY B 123 1.13 19.88 18.24
CA GLY B 123 2.06 20.98 18.40
C GLY B 123 3.36 20.65 19.10
N LYS B 124 3.61 19.37 19.40
CA LYS B 124 4.81 19.01 20.13
C LYS B 124 6.06 18.94 19.26
N TYR B 125 5.92 18.95 17.93
CA TYR B 125 7.07 18.73 17.06
C TYR B 125 7.20 19.84 16.04
N ASP B 126 8.44 20.16 15.70
CA ASP B 126 8.73 21.01 14.55
C ASP B 126 8.82 20.23 13.25
N THR B 127 9.40 19.02 13.30
CA THR B 127 9.53 18.16 12.14
C THR B 127 9.10 16.74 12.47
N ILE B 128 8.31 16.15 11.56
CA ILE B 128 7.95 14.74 11.60
C ILE B 128 8.63 14.08 10.40
N VAL B 129 9.68 13.30 10.67
CA VAL B 129 10.38 12.58 9.62
C VAL B 129 9.71 11.23 9.47
N TYR B 130 9.09 11.00 8.31
CA TYR B 130 8.31 9.79 8.07
C TYR B 130 9.11 8.86 7.16
N ASP B 131 9.49 7.69 7.69
CA ASP B 131 10.17 6.66 6.91
C ASP B 131 9.11 5.70 6.36
N GLY B 132 8.55 6.02 5.21
CA GLY B 132 7.51 5.23 4.59
C GLY B 132 8.05 4.30 3.52
N THR B 133 7.15 3.85 2.65
CA THR B 133 7.55 2.93 1.59
C THR B 133 8.18 3.67 0.42
N GLY B 134 8.13 4.99 0.39
CA GLY B 134 8.90 5.74 -0.60
C GLY B 134 8.48 5.54 -2.04
N ASP B 135 7.21 5.21 -2.29
CA ASP B 135 6.79 4.83 -3.63
C ASP B 135 5.40 5.37 -3.91
N ALA B 136 4.80 4.89 -5.00
CA ALA B 136 3.45 5.32 -5.38
C ALA B 136 2.44 5.15 -4.26
N PHE B 137 2.65 4.16 -3.39
CA PHE B 137 1.70 3.93 -2.31
C PHE B 137 1.80 5.02 -1.26
N THR B 138 3.01 5.52 -1.00
CA THR B 138 3.13 6.68 -0.14
C THR B 138 2.43 7.89 -0.75
N LEU B 139 2.51 8.02 -2.08
CA LEU B 139 1.87 9.14 -2.74
C LEU B 139 0.35 9.07 -2.60
N ARG B 140 -0.22 7.87 -2.77
CA ARG B 140 -1.67 7.74 -2.68
C ARG B 140 -2.16 8.04 -1.28
N MSE B 141 -1.37 7.67 -0.27
CA MSE B 141 -1.66 8.06 1.08
C MSE B 141 -1.64 9.57 1.31
O MSE B 141 -2.64 10.16 1.78
CB MSE B 141 -0.65 7.42 2.04
CG MSE B 141 -1.07 7.52 3.46
SE MSE B 141 0.40 7.18 4.64
CE MSE B 141 1.79 8.33 3.89
H MSE B 141 -0.66 7.19 -0.37
HA MSE B 141 -2.56 7.76 1.29
HB2 MSE B 141 -0.55 6.48 1.82
HB3 MSE B 141 0.20 7.87 1.95
HG2 MSE B 141 -1.40 8.40 3.64
HG3 MSE B 141 -1.77 6.86 3.64
HE1 MSE B 141 1.48 9.25 3.90
HE2 MSE B 141 2.59 8.26 4.45
HE3 MSE B 141 1.99 8.05 2.99
N LEU B 142 -0.49 10.19 1.02
CA LEU B 142 -0.39 11.64 1.21
C LEU B 142 -1.49 12.38 0.45
N GLY B 143 -1.92 11.85 -0.68
CA GLY B 143 -2.94 12.47 -1.49
C GLY B 143 -4.37 12.26 -1.00
N LEU B 144 -4.54 11.58 0.13
CA LEU B 144 -5.88 11.28 0.61
C LEU B 144 -6.76 12.52 0.78
N PRO B 145 -6.29 13.59 1.40
CA PRO B 145 -7.17 14.77 1.58
C PRO B 145 -7.77 15.27 0.27
N GLU B 146 -6.99 15.29 -0.82
CA GLU B 146 -7.52 15.77 -2.08
C GLU B 146 -8.44 14.74 -2.71
N SER B 147 -8.02 13.48 -2.71
CA SER B 147 -8.82 12.43 -3.33
C SER B 147 -10.17 12.31 -2.66
N LEU B 148 -10.19 12.35 -1.34
CA LEU B 148 -11.46 12.29 -0.61
C LEU B 148 -12.30 13.53 -0.89
N SER B 149 -11.68 14.71 -0.85
CA SER B 149 -12.38 15.94 -1.21
C SER B 149 -13.07 15.79 -2.56
N TRP B 150 -12.38 15.20 -3.54
CA TRP B 150 -13.00 15.08 -4.86
C TRP B 150 -14.20 14.14 -4.82
N TYR B 151 -14.08 13.01 -4.11
CA TYR B 151 -15.21 12.08 -4.04
C TYR B 151 -16.42 12.74 -3.38
N VAL B 152 -16.19 13.49 -2.30
CA VAL B 152 -17.27 14.22 -1.65
C VAL B 152 -17.91 15.21 -2.60
N ARG B 153 -17.13 15.74 -3.53
CA ARG B 153 -17.51 16.89 -4.35
C ARG B 153 -18.12 16.48 -5.67
N ARG B 154 -17.75 15.32 -6.21
CA ARG B 154 -18.40 14.81 -7.40
C ARG B 154 -19.69 14.07 -7.07
N PHE B 155 -19.75 13.40 -5.91
CA PHE B 155 -20.82 12.45 -5.64
C PHE B 155 -21.89 12.96 -4.69
N ARG B 156 -21.59 13.90 -3.80
CA ARG B 156 -22.63 14.42 -2.92
C ARG B 156 -23.83 14.89 -3.73
N GLN B 157 -23.58 15.73 -4.74
CA GLN B 157 -24.67 16.23 -5.57
C GLN B 157 -25.43 15.09 -6.24
N LEU B 158 -24.71 14.10 -6.77
CA LEU B 158 -25.37 13.03 -7.49
C LEU B 158 -26.33 12.25 -6.59
N PHE B 159 -25.96 12.06 -5.32
CA PHE B 159 -26.79 11.29 -4.41
C PHE B 159 -27.86 12.11 -3.73
N VAL B 160 -27.59 13.39 -3.44
CA VAL B 160 -28.59 14.22 -2.77
C VAL B 160 -29.71 14.60 -3.74
N ASN B 161 -29.36 14.95 -4.98
CA ASN B 161 -30.33 15.42 -5.95
C ASN B 161 -30.96 14.31 -6.78
N SER B 162 -30.64 13.05 -6.50
CA SER B 162 -31.24 11.94 -7.24
C SER B 162 -32.72 11.79 -6.85
N ASP B 163 -33.44 11.00 -7.67
CA ASP B 163 -34.81 10.66 -7.33
C ASP B 163 -34.88 9.95 -5.99
N LEU B 164 -33.89 9.09 -5.71
CA LEU B 164 -33.84 8.39 -4.43
C LEU B 164 -33.43 9.31 -3.29
N GLY B 165 -32.58 10.30 -3.58
CA GLY B 165 -32.14 11.24 -2.57
C GLY B 165 -33.20 12.25 -2.20
N LYS B 166 -33.84 12.83 -3.22
CA LYS B 166 -34.94 13.75 -2.97
C LYS B 166 -36.12 13.06 -2.30
N THR B 167 -36.15 11.72 -2.32
CA THR B 167 -37.19 11.00 -1.60
C THR B 167 -36.83 10.83 -0.13
N ILE B 168 -35.55 10.59 0.17
CA ILE B 168 -35.13 10.45 1.56
C ILE B 168 -35.41 11.72 2.34
N ALA B 169 -35.46 12.86 1.65
CA ALA B 169 -35.93 14.11 2.24
C ALA B 169 -37.44 14.26 2.14
N GLU B 170 -38.05 13.74 1.07
CA GLU B 170 -39.49 13.80 0.88
C GLU B 170 -40.11 12.44 1.15
N SER B 171 -39.88 11.88 2.33
CA SER B 171 -40.48 10.63 2.69
C SER B 171 -40.65 10.56 4.20
N PRO B 172 -41.84 10.22 4.70
CA PRO B 172 -42.01 10.08 6.15
C PRO B 172 -41.49 8.76 6.70
N LEU B 173 -41.05 7.85 5.83
CA LEU B 173 -40.49 6.58 6.26
C LEU B 173 -39.03 6.69 6.69
N ILE B 174 -38.49 7.91 6.76
CA ILE B 174 -37.10 8.13 7.13
C ILE B 174 -36.97 8.65 8.55
N GLN B 175 -37.75 9.67 8.89
CA GLN B 175 -37.66 10.25 10.23
C GLN B 175 -37.92 9.24 11.34
N PRO B 176 -38.98 8.40 11.27
CA PRO B 176 -39.12 7.34 12.28
C PRO B 176 -38.17 6.17 12.05
N LEU B 177 -37.42 6.17 10.95
CA LEU B 177 -36.39 5.17 10.71
C LEU B 177 -35.11 5.52 11.45
N ILE B 178 -34.58 6.73 11.22
CA ILE B 178 -33.38 7.17 11.91
C ILE B 178 -33.60 7.13 13.42
N SER B 179 -34.79 7.52 13.87
CA SER B 179 -35.10 7.49 15.30
C SER B 179 -35.26 6.08 15.83
N SER B 180 -35.56 5.11 14.96
CA SER B 180 -35.55 3.71 15.39
C SER B 180 -34.22 3.33 16.02
N PHE B 181 -33.15 4.03 15.69
CA PHE B 181 -31.86 3.95 16.35
C PHE B 181 -31.49 5.33 16.89
N PHE B 182 -30.33 5.42 17.54
CA PHE B 182 -29.85 6.69 18.09
C PHE B 182 -30.81 7.26 19.12
N GLN B 193 -23.59 21.48 9.34
CA GLN B 193 -23.75 20.33 8.47
C GLN B 193 -22.51 19.44 8.49
N PRO B 194 -22.70 18.12 8.43
CA PRO B 194 -21.53 17.24 8.32
C PRO B 194 -20.75 17.47 7.04
N THR B 195 -21.43 17.81 5.95
CA THR B 195 -20.74 18.11 4.69
C THR B 195 -19.70 19.21 4.89
N ASN B 196 -20.01 20.22 5.69
CA ASN B 196 -19.06 21.29 5.95
C ASN B 196 -17.93 20.81 6.85
N GLN B 197 -18.27 20.12 7.94
CA GLN B 197 -17.22 19.63 8.83
C GLN B 197 -16.27 18.70 8.11
N VAL B 198 -16.79 17.88 7.19
CA VAL B 198 -15.94 16.98 6.43
C VAL B 198 -15.01 17.77 5.52
N ASN B 199 -15.58 18.70 4.75
CA ASN B 199 -14.76 19.48 3.82
C ASN B 199 -13.79 20.40 4.56
N ASN B 200 -14.16 20.85 5.76
CA ASN B 200 -13.21 21.62 6.57
C ASN B 200 -12.02 20.75 6.98
N PHE B 201 -12.31 19.54 7.47
CA PHE B 201 -11.25 18.62 7.86
C PHE B 201 -10.38 18.26 6.65
N LEU B 202 -11.02 18.00 5.50
CA LEU B 202 -10.28 17.64 4.31
C LEU B 202 -9.49 18.83 3.76
N ASP B 203 -10.10 20.02 3.77
CA ASP B 203 -9.43 21.20 3.22
C ASP B 203 -8.19 21.57 4.01
N LYS B 204 -8.21 21.36 5.33
CA LYS B 204 -7.03 21.63 6.13
C LYS B 204 -5.88 20.70 5.74
N GLY B 205 -6.18 19.42 5.44
CA GLY B 205 -5.15 18.52 4.97
C GLY B 205 -4.65 18.91 3.59
N LYS B 206 -5.54 19.34 2.72
CA LYS B 206 -5.15 19.78 1.38
C LYS B 206 -4.29 21.03 1.47
N GLU B 207 -4.62 21.93 2.39
CA GLU B 207 -3.81 23.14 2.58
C GLU B 207 -2.39 22.77 2.98
N ALA B 208 -2.25 21.93 4.01
CA ALA B 208 -0.93 21.53 4.49
C ALA B 208 -0.12 20.90 3.37
N LEU B 209 -0.72 19.96 2.63
CA LEU B 209 0.02 19.26 1.59
C LEU B 209 0.56 20.19 0.52
N ALA B 210 -0.14 21.29 0.24
CA ALA B 210 0.28 22.22 -0.80
C ALA B 210 1.35 23.19 -0.32
N ASP B 211 1.62 23.24 0.99
CA ASP B 211 2.56 24.18 1.58
C ASP B 211 3.91 23.50 1.79
N PRO B 212 4.96 23.88 1.05
CA PRO B 212 6.26 23.22 1.22
C PRO B 212 6.87 23.38 2.61
N LYS B 213 6.34 24.28 3.45
CA LYS B 213 6.78 24.35 4.84
C LYS B 213 6.12 23.30 5.71
N ARG B 214 5.02 22.69 5.25
CA ARG B 214 4.30 21.68 6.03
C ARG B 214 4.53 20.27 5.53
N VAL B 215 4.72 20.06 4.23
CA VAL B 215 4.95 18.73 3.68
C VAL B 215 5.93 18.84 2.52
N ALA B 216 7.02 18.06 2.59
CA ALA B 216 7.97 18.00 1.49
C ALA B 216 8.62 16.62 1.45
N ALA B 217 8.98 16.18 0.25
CA ALA B 217 9.69 14.92 0.06
C ALA B 217 10.92 15.16 -0.80
N PHE B 218 11.92 14.31 -0.59
CA PHE B 218 13.16 14.34 -1.35
C PHE B 218 13.37 12.99 -2.01
N LEU B 219 13.88 13.04 -3.23
CA LEU B 219 14.16 11.83 -3.99
C LEU B 219 15.51 11.25 -3.54
N VAL B 220 15.60 9.91 -3.55
CA VAL B 220 16.81 9.20 -3.17
C VAL B 220 17.11 8.19 -4.27
N THR B 221 18.33 8.23 -4.79
CA THR B 221 18.66 7.42 -5.94
C THR B 221 20.16 7.21 -6.01
N THR B 222 20.55 6.12 -6.65
CA THR B 222 21.92 5.95 -7.11
C THR B 222 22.02 6.47 -8.53
N ALA B 223 23.22 6.38 -9.08
CA ALA B 223 23.47 6.76 -10.47
C ALA B 223 23.00 5.72 -11.47
N ASP B 224 22.48 4.58 -11.01
CA ASP B 224 21.96 3.57 -11.92
C ASP B 224 20.87 4.20 -12.78
N PRO B 225 20.98 4.17 -14.11
CA PRO B 225 19.93 4.79 -14.94
C PRO B 225 18.55 4.27 -14.62
N LEU B 226 18.45 3.03 -14.13
CA LEU B 226 17.14 2.45 -13.78
C LEU B 226 16.57 3.13 -12.53
N GLU B 227 17.40 3.46 -11.55
CA GLU B 227 16.90 4.19 -10.39
C GLU B 227 16.56 5.63 -10.76
N VAL B 228 17.39 6.25 -11.60
CA VAL B 228 17.16 7.64 -12.01
C VAL B 228 15.80 7.77 -12.69
N VAL B 229 15.51 6.90 -13.65
CA VAL B 229 14.22 6.98 -14.33
C VAL B 229 13.07 6.70 -13.37
N SER B 230 13.30 5.82 -12.38
CA SER B 230 12.26 5.51 -11.41
C SER B 230 11.91 6.72 -10.55
N VAL B 231 12.93 7.42 -10.03
CA VAL B 231 12.62 8.55 -9.16
C VAL B 231 12.09 9.74 -9.98
N ARG B 232 12.52 9.89 -11.23
CA ARG B 232 11.92 10.91 -12.07
C ARG B 232 10.44 10.66 -12.29
N TYR B 233 10.05 9.41 -12.48
CA TYR B 233 8.64 9.08 -12.60
C TYR B 233 7.90 9.38 -11.30
N LEU B 234 8.49 9.00 -10.16
CA LEU B 234 7.86 9.33 -8.88
C LEU B 234 7.80 10.83 -8.67
N TRP B 235 8.82 11.55 -9.13
CA TRP B 235 8.83 13.01 -9.06
C TRP B 235 7.59 13.60 -9.70
N GLY B 236 7.32 13.23 -10.95
CA GLY B 236 6.12 13.72 -11.60
C GLY B 236 4.84 13.23 -10.94
N SER B 237 4.84 11.96 -10.52
CA SER B 237 3.67 11.42 -9.82
C SER B 237 3.36 12.22 -8.57
N ALA B 238 4.40 12.65 -7.84
CA ALA B 238 4.22 13.48 -6.65
C ALA B 238 3.60 14.83 -7.00
N GLN B 239 4.05 15.45 -8.09
CA GLN B 239 3.45 16.71 -8.51
C GLN B 239 1.95 16.55 -8.74
N GLN B 240 1.54 15.42 -9.33
CA GLN B 240 0.12 15.16 -9.56
C GLN B 240 -0.69 15.22 -8.29
N ILE B 241 -0.12 14.84 -7.14
CA ILE B 241 -0.87 14.90 -5.88
C ILE B 241 -0.62 16.20 -5.13
N GLY B 242 0.19 17.11 -5.69
CA GLY B 242 0.48 18.34 -5.00
C GLY B 242 1.61 18.29 -4.00
N LEU B 243 2.46 17.27 -4.07
CA LEU B 243 3.55 17.09 -3.10
C LEU B 243 4.80 17.77 -3.62
N THR B 244 5.32 18.72 -2.85
CA THR B 244 6.56 19.39 -3.24
C THR B 244 7.73 18.44 -3.12
N ILE B 245 8.51 18.32 -4.19
CA ILE B 245 9.76 17.56 -4.19
C ILE B 245 10.89 18.58 -4.12
N GLY B 246 11.55 18.63 -2.96
CA GLY B 246 12.49 19.71 -2.71
C GLY B 246 13.87 19.47 -3.27
N GLY B 247 14.25 18.22 -3.47
CA GLY B 247 15.60 17.95 -3.94
C GLY B 247 15.86 16.47 -4.07
N VAL B 248 17.10 16.16 -4.45
CA VAL B 248 17.53 14.81 -4.75
C VAL B 248 18.76 14.49 -3.91
N ILE B 249 18.78 13.31 -3.29
CA ILE B 249 19.92 12.82 -2.54
C ILE B 249 20.49 11.62 -3.29
N GLN B 250 21.75 11.73 -3.69
CA GLN B 250 22.44 10.69 -4.46
C GLN B 250 23.29 9.85 -3.52
N VAL B 251 23.00 8.56 -3.45
CA VAL B 251 23.74 7.64 -2.60
C VAL B 251 24.62 6.75 -3.47
N SER B 252 25.57 6.07 -2.83
CA SER B 252 26.67 5.43 -3.55
C SER B 252 26.24 4.12 -4.19
N SER B 253 27.00 3.72 -5.21
CA SER B 253 26.77 2.49 -5.95
C SER B 253 27.98 2.24 -6.83
N GLN B 254 27.95 1.13 -7.57
CA GLN B 254 29.01 0.80 -8.51
C GLN B 254 28.90 1.57 -9.83
N THR B 255 27.97 2.52 -9.93
CA THR B 255 27.81 3.35 -11.13
C THR B 255 28.22 4.78 -10.79
N GLU B 256 29.15 5.33 -11.57
CA GLU B 256 29.59 6.71 -11.40
C GLU B 256 28.75 7.65 -12.28
N GLY B 257 28.57 8.88 -11.81
CA GLY B 257 27.87 9.86 -12.61
C GLY B 257 27.43 11.12 -11.91
N ASP B 258 27.51 12.25 -12.62
CA ASP B 258 26.93 13.51 -12.17
C ASP B 258 25.47 13.55 -12.62
N LEU B 259 24.56 13.64 -11.67
CA LEU B 259 23.13 13.55 -11.96
C LEU B 259 22.45 14.92 -12.02
N SER B 260 23.20 16.01 -11.92
CA SER B 260 22.57 17.33 -11.84
C SER B 260 21.65 17.59 -13.03
N ALA B 261 22.12 17.30 -14.24
CA ALA B 261 21.33 17.61 -15.42
C ALA B 261 20.08 16.74 -15.51
N GLU B 262 20.06 15.61 -14.80
CA GLU B 262 18.90 14.72 -14.86
C GLU B 262 17.73 15.24 -14.04
N PHE B 263 17.97 16.18 -13.11
CA PHE B 263 16.92 16.62 -12.20
C PHE B 263 16.76 18.13 -12.17
N THR B 264 17.31 18.84 -13.15
CA THR B 264 17.17 20.29 -13.19
C THR B 264 15.70 20.68 -13.06
N PRO B 265 15.36 21.70 -12.26
CA PRO B 265 16.22 22.63 -11.52
C PRO B 265 16.56 22.21 -10.09
N LEU B 266 16.41 20.94 -9.72
CA LEU B 266 16.59 20.55 -8.34
C LEU B 266 18.07 20.38 -8.01
N SER B 267 18.40 20.62 -6.74
CA SER B 267 19.73 20.33 -6.23
C SER B 267 19.88 18.84 -6.00
N VAL B 268 20.97 18.27 -6.52
CA VAL B 268 21.37 16.91 -6.21
C VAL B 268 22.50 16.97 -5.19
N THR B 269 22.30 16.36 -4.04
CA THR B 269 23.28 16.33 -2.97
C THR B 269 23.84 14.92 -2.83
N VAL B 270 25.14 14.75 -3.08
CA VAL B 270 25.75 13.44 -2.95
C VAL B 270 26.09 13.19 -1.48
N VAL B 271 25.75 12.00 -0.98
CA VAL B 271 26.05 11.69 0.42
C VAL B 271 26.78 10.36 0.56
N PRO B 272 27.58 10.19 1.61
CA PRO B 272 28.31 8.93 1.83
C PRO B 272 27.45 7.92 2.58
N ASP B 273 27.98 6.69 2.68
CA ASP B 273 27.28 5.66 3.43
C ASP B 273 27.43 5.90 4.93
N VAL B 274 26.75 5.06 5.71
CA VAL B 274 26.93 4.97 7.15
C VAL B 274 27.46 3.56 7.43
N THR B 275 28.66 3.47 8.01
CA THR B 275 29.26 2.20 8.36
C THR B 275 29.60 2.17 9.84
N LYS B 276 29.27 1.05 10.48
CA LYS B 276 29.67 0.77 11.86
C LYS B 276 29.27 1.91 12.81
N GLY B 277 28.03 2.36 12.68
CA GLY B 277 27.48 3.31 13.62
C GLY B 277 27.98 4.73 13.53
N ASP B 278 28.79 5.07 12.53
CA ASP B 278 29.30 6.43 12.38
C ASP B 278 28.37 7.22 11.47
N TRP B 279 27.44 7.96 12.08
CA TRP B 279 26.47 8.75 11.34
C TRP B 279 26.97 10.13 10.93
N GLN B 280 28.16 10.53 11.32
CA GLN B 280 28.53 11.94 11.16
C GLN B 280 28.82 12.32 9.70
N PRO B 281 29.46 11.46 8.91
CA PRO B 281 29.64 11.83 7.50
C PRO B 281 28.32 12.04 6.78
N LEU B 282 27.36 11.15 6.98
CA LEU B 282 26.06 11.32 6.33
C LEU B 282 25.37 12.58 6.84
N ILE B 283 25.35 12.77 8.15
CA ILE B 283 24.72 13.94 8.75
C ILE B 283 25.31 15.23 8.15
N ASP B 284 26.64 15.30 8.08
CA ASP B 284 27.31 16.50 7.61
C ASP B 284 27.11 16.75 6.12
N ALA B 285 26.64 15.74 5.37
CA ALA B 285 26.49 15.88 3.94
C ALA B 285 25.07 16.22 3.52
N LEU B 286 24.11 16.05 4.41
CA LEU B 286 22.71 16.25 4.05
C LEU B 286 22.45 17.70 3.63
N PRO B 287 21.48 17.94 2.76
CA PRO B 287 21.19 19.31 2.32
C PRO B 287 20.34 20.05 3.34
N ASN B 288 20.15 21.34 3.06
CA ASN B 288 19.22 22.20 3.80
C ASN B 288 17.81 21.92 3.31
N PHE B 289 17.12 21.01 3.99
CA PHE B 289 15.81 20.54 3.52
C PHE B 289 14.82 21.68 3.37
N VAL B 290 14.73 22.54 4.40
CA VAL B 290 13.70 23.58 4.39
C VAL B 290 13.92 24.55 3.24
N GLU B 291 15.17 24.94 3.00
CA GLU B 291 15.44 25.93 1.97
C GLU B 291 15.23 25.35 0.57
N GLN B 292 15.67 24.12 0.35
CA GLN B 292 15.48 23.51 -0.98
C GLN B 292 14.00 23.33 -1.28
N ALA B 293 13.20 22.92 -0.30
CA ALA B 293 11.77 22.76 -0.53
C ALA B 293 11.12 24.12 -0.87
N GLU B 294 11.50 25.17 -0.15
CA GLU B 294 10.98 26.51 -0.48
C GLU B 294 11.36 26.92 -1.89
N GLN B 295 12.57 26.58 -2.34
CA GLN B 295 13.01 27.02 -3.66
C GLN B 295 12.52 26.13 -4.80
N ALA B 296 12.04 24.93 -4.51
CA ALA B 296 11.70 23.99 -5.58
C ALA B 296 10.46 24.45 -6.35
N PRO B 297 10.24 23.91 -7.53
CA PRO B 297 9.03 24.27 -8.29
C PRO B 297 7.76 23.96 -7.54
N LYS B 298 6.70 24.73 -7.88
CA LYS B 298 5.38 24.51 -7.31
C LYS B 298 4.62 23.47 -8.13
N PRO B 299 4.02 22.45 -7.50
CA PRO B 299 3.24 21.48 -8.29
C PRO B 299 2.18 22.12 -9.17
N ILE B 300 1.47 23.10 -8.64
CA ILE B 300 0.40 23.77 -9.38
C ILE B 300 0.41 25.24 -9.00
N THR B 301 0.28 26.10 -10.00
CA THR B 301 0.11 27.53 -9.82
C THR B 301 -1.11 27.96 -10.63
N ILE B 302 -1.99 28.73 -10.00
CA ILE B 302 -3.14 29.32 -10.68
C ILE B 302 -2.84 30.80 -10.90
N ASP B 303 -2.78 31.21 -12.16
CA ASP B 303 -2.52 32.59 -12.53
C ASP B 303 -3.86 33.24 -12.85
N THR B 304 -4.45 33.92 -11.85
CA THR B 304 -5.70 34.62 -12.08
C THR B 304 -5.57 35.63 -13.22
N HIS B 305 -4.47 36.38 -13.25
CA HIS B 305 -4.31 37.46 -14.21
C HIS B 305 -4.32 36.93 -15.63
N ASN B 306 -3.46 35.97 -15.93
CA ASN B 306 -3.36 35.43 -17.28
C ASN B 306 -4.32 34.27 -17.52
N ARG B 307 -5.23 34.01 -16.58
CA ARG B 307 -6.23 32.95 -16.71
C ARG B 307 -5.55 31.65 -17.19
N GLN B 308 -4.65 31.15 -16.35
CA GLN B 308 -3.84 30.00 -16.71
C GLN B 308 -3.61 29.13 -15.49
N VAL B 309 -3.50 27.82 -15.74
CA VAL B 309 -3.11 26.84 -14.72
C VAL B 309 -1.82 26.20 -15.21
N ARG B 310 -0.78 26.24 -14.37
CA ARG B 310 0.53 25.71 -14.74
C ARG B 310 0.86 24.56 -13.80
N LEU B 311 0.98 23.37 -14.38
CA LEU B 311 1.23 22.14 -13.63
C LEU B 311 2.65 21.68 -13.93
N PHE B 312 3.45 21.53 -12.89
CA PHE B 312 4.80 20.99 -13.02
C PHE B 312 4.70 19.47 -13.15
N LEU B 313 5.11 18.95 -14.32
CA LEU B 313 4.95 17.52 -14.64
C LEU B 313 6.23 16.96 -15.24
N PRO B 314 7.32 16.97 -14.49
CA PRO B 314 8.55 16.35 -14.97
C PRO B 314 8.45 14.83 -14.96
N GLY B 315 9.30 14.20 -15.76
CA GLY B 315 9.53 12.77 -15.62
C GLY B 315 8.53 11.87 -16.31
N PHE B 316 7.68 12.42 -17.17
CA PHE B 316 6.71 11.65 -17.92
C PHE B 316 7.01 11.73 -19.40
N ASP B 317 6.47 10.78 -20.14
CA ASP B 317 6.33 10.91 -21.60
C ASP B 317 5.13 11.81 -21.88
N LYS B 318 5.35 12.88 -22.64
CA LYS B 318 4.26 13.80 -22.94
C LYS B 318 3.05 13.07 -23.49
N LYS B 319 3.27 12.04 -24.33
CA LYS B 319 2.17 11.26 -24.86
C LYS B 319 1.39 10.56 -23.75
N GLN B 320 2.00 10.36 -22.58
CA GLN B 320 1.34 9.74 -21.43
C GLN B 320 0.89 10.77 -20.40
N VAL B 321 0.59 11.98 -20.85
CA VAL B 321 -0.12 12.98 -20.07
C VAL B 321 -1.38 13.31 -20.84
N LYS B 322 -2.54 13.08 -20.23
CA LYS B 322 -3.82 13.27 -20.90
C LYS B 322 -4.64 14.28 -20.14
N LEU B 323 -5.21 15.24 -20.88
CA LEU B 323 -6.08 16.27 -20.34
C LEU B 323 -7.44 16.10 -20.98
N THR B 324 -8.47 15.94 -20.17
CA THR B 324 -9.83 15.75 -20.67
C THR B 324 -10.79 16.42 -19.70
N GLN B 325 -11.95 16.82 -20.23
CA GLN B 325 -13.03 17.39 -19.44
C GLN B 325 -14.26 16.53 -19.71
N TYR B 326 -14.34 15.39 -19.01
CA TYR B 326 -15.50 14.53 -19.14
C TYR B 326 -16.63 14.99 -18.21
N GLY B 327 -16.27 15.63 -17.10
CA GLY B 327 -17.24 16.08 -16.13
C GLY B 327 -17.14 17.57 -15.89
N PRO B 328 -17.55 18.00 -14.69
CA PRO B 328 -17.53 19.43 -14.38
C PRO B 328 -16.14 20.01 -14.21
N GLU B 329 -15.10 19.19 -14.13
CA GLU B 329 -13.73 19.67 -13.96
C GLU B 329 -12.82 18.98 -14.96
N VAL B 330 -11.71 19.65 -15.27
CA VAL B 330 -10.71 19.06 -16.15
C VAL B 330 -9.94 17.99 -15.37
N THR B 331 -9.64 16.89 -16.05
CA THR B 331 -8.91 15.77 -15.47
C THR B 331 -7.56 15.67 -16.14
N VAL B 332 -6.50 15.75 -15.33
CA VAL B 332 -5.14 15.51 -15.81
C VAL B 332 -4.73 14.12 -15.39
N GLU B 333 -4.43 13.27 -16.37
CA GLU B 333 -3.98 11.91 -16.11
C GLU B 333 -2.50 11.80 -16.39
N ALA B 334 -1.74 11.35 -15.39
CA ALA B 334 -0.30 11.19 -15.55
C ALA B 334 0.25 10.46 -14.33
N GLY B 335 1.26 9.63 -14.54
CA GLY B 335 1.85 8.91 -13.42
C GLY B 335 0.89 7.96 -12.74
N ASP B 336 -0.08 7.43 -13.48
CA ASP B 336 -1.12 6.58 -12.90
C ASP B 336 -1.82 7.28 -11.74
N GLN B 337 -1.88 8.60 -11.79
CA GLN B 337 -2.62 9.40 -10.83
C GLN B 337 -3.49 10.38 -11.63
N ARG B 338 -4.55 10.85 -11.01
CA ARG B 338 -5.48 11.76 -11.67
C ARG B 338 -5.71 12.99 -10.80
N ARG B 339 -5.56 14.17 -11.41
CA ARG B 339 -5.85 15.45 -10.78
C ARG B 339 -7.11 16.01 -11.41
N ASN B 340 -8.15 16.20 -10.60
CA ASN B 340 -9.36 16.93 -11.01
C ASN B 340 -9.20 18.36 -10.51
N ILE B 341 -9.02 19.29 -11.45
CA ILE B 341 -8.62 20.66 -11.10
C ILE B 341 -9.85 21.44 -10.65
N PHE B 342 -9.86 21.84 -9.38
CA PHE B 342 -10.86 22.76 -8.85
C PHE B 342 -10.46 24.17 -9.27
N LEU B 343 -11.25 24.77 -10.14
CA LEU B 343 -10.99 26.15 -10.56
C LEU B 343 -11.40 27.10 -9.44
N PRO B 344 -10.53 28.00 -9.02
CA PRO B 344 -10.88 28.94 -7.95
C PRO B 344 -11.80 30.03 -8.47
N PRO B 345 -12.17 30.99 -7.62
CA PRO B 345 -13.07 32.06 -8.09
C PRO B 345 -12.62 32.73 -9.38
N ALA B 346 -11.36 33.12 -9.48
CA ALA B 346 -10.89 33.84 -10.65
C ALA B 346 -11.05 33.04 -11.94
N LEU B 347 -11.14 31.71 -11.85
CA LEU B 347 -11.25 30.85 -13.03
C LEU B 347 -12.53 30.03 -13.07
N SER B 348 -13.22 29.87 -11.94
CA SER B 348 -14.41 29.04 -11.89
C SER B 348 -15.43 29.44 -12.95
N GLY B 349 -15.80 28.49 -13.80
CA GLY B 349 -16.81 28.73 -14.80
C GLY B 349 -16.30 29.26 -16.12
N ARG B 350 -14.99 29.30 -16.32
CA ARG B 350 -14.41 29.77 -17.57
C ARG B 350 -13.99 28.58 -18.41
N PRO B 351 -14.48 28.43 -19.64
CA PRO B 351 -14.02 27.33 -20.50
C PRO B 351 -12.51 27.32 -20.68
N ILE B 352 -11.99 26.11 -20.90
CA ILE B 352 -10.61 25.96 -21.35
C ILE B 352 -10.50 26.48 -22.78
N THR B 353 -9.38 27.13 -23.08
CA THR B 353 -9.14 27.68 -24.41
C THR B 353 -7.84 27.18 -25.03
N GLY B 354 -7.15 26.26 -24.38
CA GLY B 354 -5.90 25.74 -24.90
C GLY B 354 -5.03 25.19 -23.78
N ALA B 355 -3.97 24.48 -24.19
CA ALA B 355 -3.02 23.89 -23.26
C ALA B 355 -1.77 23.46 -24.03
N LYS B 356 -0.62 23.50 -23.35
CA LYS B 356 0.65 23.17 -23.99
C LYS B 356 1.67 22.78 -22.91
N PHE B 357 2.73 22.08 -23.37
CA PHE B 357 3.87 21.69 -22.54
C PHE B 357 5.04 22.64 -22.78
N GLN B 358 5.87 22.82 -21.74
CA GLN B 358 7.01 23.72 -21.84
C GLN B 358 7.91 23.65 -20.62
N ASN B 359 9.16 23.21 -20.83
CA ASN B 359 10.14 23.12 -19.76
C ASN B 359 9.60 22.31 -18.57
N ASN B 360 8.90 21.23 -18.87
CA ASN B 360 8.32 20.28 -17.92
C ASN B 360 7.08 20.82 -17.23
N TYR B 361 6.52 21.94 -17.69
CA TYR B 361 5.27 22.46 -17.19
C TYR B 361 4.17 22.24 -18.24
N LEU B 362 2.99 21.86 -17.77
CA LEU B 362 1.78 21.84 -18.58
C LEU B 362 1.02 23.12 -18.30
N ILE B 363 0.90 23.98 -19.31
CA ILE B 363 0.23 25.27 -19.18
C ILE B 363 -1.13 25.15 -19.84
N ILE B 364 -2.18 25.34 -19.05
CA ILE B 364 -3.56 25.20 -19.51
C ILE B 364 -4.19 26.58 -19.51
N SER B 365 -4.72 26.98 -20.67
CA SER B 365 -5.29 28.31 -20.84
C SER B 365 -6.81 28.28 -20.70
N PHE B 366 -7.35 29.32 -20.06
CA PHE B 366 -8.78 29.45 -19.84
C PHE B 366 -9.33 30.69 -20.54
N1 AZI C . 20.08 -8.84 -9.37
N2 AZI C . 20.11 -9.69 -10.18
N3 AZI C . 20.17 -10.51 -11.00
N1 AZI D . 24.10 6.82 3.68
N2 AZI D . 23.52 6.16 2.91
N3 AZI D . 22.95 5.50 2.15
#